data_6ZD6
#
_entry.id   6ZD6
#
_cell.length_a   65.695
_cell.length_b   65.695
_cell.length_c   387.615
_cell.angle_alpha   90.000
_cell.angle_beta   90.000
_cell.angle_gamma   90.000
#
_symmetry.space_group_name_H-M   'P 41 21 2'
#
loop_
_entity.id
_entity.type
_entity.pdbx_description
1 polymer 'Telomerase reverse transcriptase'
2 water water
#
_entity_poly.entity_id   1
_entity_poly.type   'polypeptide(L)'
_entity_poly.pdbx_seq_one_letter_code
;YEIIRTNVQEVLAEIVSPSTKNPNSENPAVKKRFRGIKNVVSRIISNDKKCRYDLIYNKYLSSSDTRKLKTMIDYSTKFN
RVVEVVLIIMGKLLPLDAWGGTENKKVIQDRIVDFLRLGANERLHLDDVLSGIKLSKFKWLGVGNNISSQQDFQIRKRLL
EGYINWVFISLVKNIVRAFWYVTESSNMDCSKLFYFTHSIWNELSSNWITKYAKGNLVQVVSPESKGQFTNGKIKLIPKR
GGFRVICVPLKQSLYSFNNKRNFALKQKEKWDYIFYQKYTLSPVRQVLQLKLNALRKSDMGHRSSVNSTNEVADRILTFR
NDLLKKNKTLPVLYMIKFDMKECYDRLNQNALKESIAGIFKEDNENTTYHVREYGTLDEFLKLKRVRTLIETEVQNFNII
MNSKDEAEAGSRSYGTKVDKVKTLSISKNKIIEVCHSQIEDATCLVKNKEGQYDLFKRKQGVFQGFSLSGIFCDILYSTM
VSKEFKFLWEATEDNLLLRLVDDFIFITSNKDTLKKVKDKISSNELQKYGAFVNHEKTVEINGEAGSSNKMTFVGLDINC
LTLDVKKDSSQFSRPTCKFRSFKALFSNLKQFYCSNLCEFLLDFSSNSLETIRENVDAILKLTFEAIQTSFATISKQDSF
ERYRFMKFLHVIIETTIEKFARVNGSMEGVEYLLTCIKITITKSLAFMATKQEIIEWLYTLTIVD
;
_entity_poly.pdbx_strand_id   A
#
# COMPACT_ATOMS: atom_id res chain seq x y z
N TYR A 1 20.62 -16.54 -20.37
CA TYR A 1 19.64 -17.58 -20.08
C TYR A 1 18.23 -17.14 -20.49
N GLU A 2 18.09 -16.73 -21.75
CA GLU A 2 16.80 -16.49 -22.38
C GLU A 2 15.96 -15.45 -21.63
N ILE A 3 16.47 -14.22 -21.58
CA ILE A 3 15.70 -13.09 -21.06
C ILE A 3 14.46 -12.85 -21.92
N ILE A 4 14.48 -13.28 -23.19
CA ILE A 4 13.32 -13.23 -24.07
C ILE A 4 12.78 -14.65 -24.21
N ARG A 5 11.50 -14.84 -23.86
CA ARG A 5 10.89 -16.17 -23.84
C ARG A 5 9.89 -16.37 -24.97
N THR A 6 9.89 -15.50 -25.98
CA THR A 6 9.03 -15.65 -27.14
C THR A 6 9.87 -15.59 -28.40
N ASN A 7 9.35 -16.17 -29.48
CA ASN A 7 10.05 -16.17 -30.76
C ASN A 7 9.71 -14.90 -31.54
N VAL A 8 10.34 -14.75 -32.71
CA VAL A 8 10.13 -13.57 -33.54
C VAL A 8 8.69 -13.48 -34.01
N GLN A 9 8.04 -14.63 -34.25
CA GLN A 9 6.64 -14.61 -34.68
C GLN A 9 5.73 -14.06 -33.59
N GLU A 10 6.05 -14.35 -32.32
CA GLU A 10 5.25 -13.86 -31.21
C GLU A 10 5.48 -12.37 -30.95
N VAL A 11 6.73 -11.93 -31.02
CA VAL A 11 7.04 -10.52 -30.73
C VAL A 11 6.40 -9.61 -31.76
N LEU A 12 6.42 -9.99 -33.04
CA LEU A 12 5.80 -9.16 -34.06
C LEU A 12 4.28 -9.13 -33.92
N ALA A 13 3.69 -10.22 -33.41
CA ALA A 13 2.26 -10.22 -33.17
C ALA A 13 1.90 -9.26 -32.04
N GLU A 14 2.74 -9.21 -31.00
CA GLU A 14 2.53 -8.27 -29.91
C GLU A 14 2.57 -6.83 -30.40
N ILE A 15 3.46 -6.54 -31.36
CA ILE A 15 3.62 -5.17 -31.84
C ILE A 15 2.44 -4.78 -32.73
N VAL A 16 2.13 -5.61 -33.73
CA VAL A 16 1.03 -5.32 -34.66
C VAL A 16 -0.23 -5.90 -34.04
N SER A 17 -0.89 -5.11 -33.20
CA SER A 17 -2.10 -5.57 -32.53
C SER A 17 -3.29 -5.53 -33.49
N PRO A 18 -4.00 -6.67 -33.66
CA PRO A 18 -5.17 -6.74 -34.54
C PRO A 18 -6.45 -6.25 -33.86
N LYS A 32 5.52 -9.87 -45.80
CA LYS A 32 4.92 -8.54 -45.79
C LYS A 32 5.98 -7.45 -45.89
N ARG A 33 5.61 -6.30 -46.44
CA ARG A 33 6.55 -5.18 -46.52
C ARG A 33 6.54 -4.43 -45.19
N PHE A 34 6.76 -5.17 -44.10
CA PHE A 34 6.98 -4.66 -42.76
C PHE A 34 8.12 -5.43 -42.14
N ARG A 35 9.17 -5.65 -42.91
CA ARG A 35 10.24 -6.59 -42.58
C ARG A 35 11.34 -5.96 -41.76
N GLY A 36 11.58 -4.65 -41.91
CA GLY A 36 12.62 -4.01 -41.13
C GLY A 36 12.46 -4.20 -39.64
N ILE A 37 11.22 -4.40 -39.17
CA ILE A 37 11.01 -4.70 -37.77
C ILE A 37 11.42 -6.14 -37.46
N LYS A 38 11.02 -7.07 -38.33
CA LYS A 38 11.44 -8.46 -38.19
C LYS A 38 12.95 -8.58 -38.18
N ASN A 39 13.64 -7.71 -38.93
CA ASN A 39 15.10 -7.71 -38.94
C ASN A 39 15.67 -7.30 -37.58
N VAL A 40 15.13 -6.22 -37.01
CA VAL A 40 15.64 -5.74 -35.73
C VAL A 40 15.35 -6.74 -34.62
N VAL A 41 14.10 -7.22 -34.54
CA VAL A 41 13.74 -8.17 -33.49
C VAL A 41 14.60 -9.43 -33.57
N SER A 42 14.91 -9.88 -34.78
CA SER A 42 15.76 -11.07 -34.93
C SER A 42 17.12 -10.85 -34.31
N ARG A 43 17.74 -9.69 -34.56
CA ARG A 43 19.05 -9.40 -33.99
C ARG A 43 18.97 -9.26 -32.48
N ILE A 44 17.89 -8.68 -31.96
CA ILE A 44 17.74 -8.54 -30.51
C ILE A 44 17.57 -9.91 -29.87
N ILE A 45 16.80 -10.79 -30.51
CA ILE A 45 16.56 -12.12 -29.95
C ILE A 45 17.83 -12.96 -30.03
N SER A 46 18.57 -12.85 -31.14
CA SER A 46 19.79 -13.64 -31.26
C SER A 46 20.91 -13.08 -30.40
N ASN A 47 20.88 -11.77 -30.10
CA ASN A 47 21.81 -11.23 -29.12
C ASN A 47 21.54 -11.76 -27.73
N ASP A 48 20.26 -12.02 -27.41
CA ASP A 48 19.90 -12.53 -26.10
C ASP A 48 20.43 -13.94 -25.89
N LYS A 49 20.55 -14.73 -26.96
CA LYS A 49 21.06 -16.09 -26.81
C LYS A 49 22.57 -16.11 -26.72
N LYS A 50 23.25 -15.29 -27.53
CA LYS A 50 24.71 -15.25 -27.51
C LYS A 50 25.27 -14.42 -26.36
N CYS A 51 24.42 -13.65 -25.68
CA CYS A 51 24.86 -12.95 -24.47
C CYS A 51 25.19 -13.95 -23.38
N ARG A 52 26.18 -13.61 -22.55
CA ARG A 52 26.64 -14.57 -21.55
C ARG A 52 25.69 -14.62 -20.36
N TYR A 53 25.45 -13.48 -19.71
CA TYR A 53 24.55 -13.29 -18.59
C TYR A 53 25.11 -13.89 -17.30
N ASP A 54 26.26 -14.55 -17.36
CA ASP A 54 26.91 -15.10 -16.18
C ASP A 54 28.21 -14.39 -15.86
N LEU A 55 28.95 -13.98 -16.89
CA LEU A 55 30.08 -13.09 -16.65
C LEU A 55 29.60 -11.73 -16.19
N ILE A 56 28.45 -11.29 -16.68
CA ILE A 56 27.88 -10.01 -16.24
C ILE A 56 27.47 -10.10 -14.77
N TYR A 57 26.83 -11.21 -14.38
CA TYR A 57 26.46 -11.38 -12.98
C TYR A 57 27.68 -11.48 -12.09
N ASN A 58 28.70 -12.24 -12.53
CA ASN A 58 29.91 -12.39 -11.72
C ASN A 58 30.72 -11.10 -11.65
N LYS A 59 30.60 -10.23 -12.66
CA LYS A 59 31.42 -9.04 -12.73
C LYS A 59 30.91 -7.95 -11.79
N TYR A 60 29.65 -7.55 -11.95
CA TYR A 60 29.08 -6.46 -11.15
C TYR A 60 28.40 -6.95 -9.88
N LEU A 61 27.61 -8.02 -9.98
CA LEU A 61 26.78 -8.54 -8.91
C LEU A 61 27.45 -9.68 -8.13
N SER A 62 26.64 -10.30 -7.27
CA SER A 62 26.81 -11.52 -6.48
C SER A 62 27.71 -11.42 -5.25
N SER A 63 28.39 -10.30 -4.99
CA SER A 63 28.70 -9.83 -3.64
C SER A 63 29.03 -10.97 -2.66
N SER A 64 30.05 -11.76 -3.00
CA SER A 64 30.23 -13.03 -2.28
C SER A 64 30.88 -12.87 -0.91
N ASP A 65 31.00 -11.64 -0.40
CA ASP A 65 31.48 -11.37 0.96
C ASP A 65 30.29 -11.41 1.91
N THR A 66 29.92 -12.60 2.39
CA THR A 66 28.75 -12.73 3.26
C THR A 66 29.14 -12.55 4.73
N ARG A 67 29.67 -11.37 5.03
CA ARG A 67 29.90 -10.92 6.40
C ARG A 67 28.63 -10.28 6.96
N LYS A 68 28.33 -10.57 8.22
CA LYS A 68 27.14 -10.06 8.86
C LYS A 68 27.11 -8.53 8.86
N LEU A 69 26.15 -7.95 8.13
CA LEU A 69 26.01 -6.51 8.04
C LEU A 69 25.08 -5.96 9.12
N LYS A 70 25.15 -4.65 9.33
CA LYS A 70 24.32 -4.00 10.33
C LYS A 70 22.84 -4.14 10.01
N THR A 71 22.42 -3.60 8.87
CA THR A 71 21.02 -3.62 8.46
C THR A 71 20.82 -4.48 7.23
N MET A 72 19.65 -5.10 7.14
CA MET A 72 19.30 -5.91 5.97
C MET A 72 19.48 -5.13 4.68
N ILE A 73 19.03 -3.86 4.67
CA ILE A 73 19.07 -3.02 3.49
C ILE A 73 20.47 -3.01 2.86
N ASP A 74 21.50 -3.04 3.69
CA ASP A 74 22.88 -2.99 3.19
C ASP A 74 23.16 -4.09 2.17
N TYR A 75 22.47 -5.24 2.27
CA TYR A 75 22.69 -6.32 1.33
C TYR A 75 22.14 -6.01 -0.06
N SER A 76 21.39 -4.93 -0.21
CA SER A 76 20.80 -4.61 -1.51
C SER A 76 21.87 -4.11 -2.47
N THR A 77 21.60 -4.30 -3.75
CA THR A 77 22.48 -3.77 -4.79
C THR A 77 22.14 -2.30 -5.00
N LYS A 78 23.16 -1.45 -4.94
CA LYS A 78 22.94 -0.01 -5.04
C LYS A 78 22.27 0.35 -6.37
N PHE A 79 21.37 1.33 -6.32
CA PHE A 79 20.58 1.69 -7.49
C PHE A 79 21.46 2.04 -8.67
N ASN A 80 22.62 2.65 -8.43
CA ASN A 80 23.52 2.98 -9.53
C ASN A 80 24.09 1.72 -10.16
N ARG A 81 24.39 0.71 -9.35
CA ARG A 81 24.87 -0.56 -9.89
C ARG A 81 23.76 -1.28 -10.66
N VAL A 82 22.52 -1.17 -10.17
CA VAL A 82 21.41 -1.81 -10.85
C VAL A 82 21.19 -1.20 -12.24
N VAL A 83 21.10 0.14 -12.28
CA VAL A 83 20.98 0.84 -13.56
C VAL A 83 22.13 0.47 -14.49
N GLU A 84 23.36 0.45 -13.96
CA GLU A 84 24.52 0.09 -14.77
C GLU A 84 24.35 -1.29 -15.39
N VAL A 85 23.92 -2.27 -14.59
CA VAL A 85 23.72 -3.62 -15.11
C VAL A 85 22.61 -3.61 -16.16
N VAL A 86 21.44 -3.08 -15.81
CA VAL A 86 20.31 -3.03 -16.74
C VAL A 86 20.74 -2.44 -18.08
N LEU A 87 21.37 -1.25 -18.05
CA LEU A 87 21.72 -0.57 -19.29
C LEU A 87 22.81 -1.32 -20.05
N ILE A 88 23.69 -2.04 -19.36
CA ILE A 88 24.72 -2.80 -20.05
C ILE A 88 24.10 -3.98 -20.77
N ILE A 89 23.08 -4.61 -20.16
CA ILE A 89 22.34 -5.66 -20.85
C ILE A 89 21.61 -5.08 -22.04
N MET A 90 20.84 -4.00 -21.81
CA MET A 90 20.10 -3.35 -22.89
C MET A 90 21.02 -2.92 -24.02
N GLY A 91 22.27 -2.57 -23.70
CA GLY A 91 23.20 -2.18 -24.75
C GLY A 91 23.60 -3.35 -25.64
N LYS A 92 23.87 -4.50 -25.02
CA LYS A 92 24.18 -5.70 -25.80
C LYS A 92 22.96 -6.17 -26.58
N LEU A 93 21.78 -6.09 -25.98
CA LEU A 93 20.56 -6.58 -26.62
C LEU A 93 20.22 -5.79 -27.88
N LEU A 94 20.19 -4.46 -27.78
CA LEU A 94 19.70 -3.63 -28.86
C LEU A 94 20.86 -2.97 -29.61
N PRO A 95 20.99 -3.21 -30.92
CA PRO A 95 22.05 -2.53 -31.69
C PRO A 95 21.78 -1.04 -31.84
N LEU A 96 22.73 -0.33 -32.44
CA LEU A 96 22.65 1.13 -32.53
C LEU A 96 21.35 1.59 -33.18
N ASP A 97 20.88 0.87 -34.20
CA ASP A 97 19.69 1.31 -34.92
C ASP A 97 18.41 1.03 -34.12
N ALA A 98 18.38 -0.08 -33.36
CA ALA A 98 17.21 -0.41 -32.57
C ALA A 98 16.84 0.68 -31.57
N TRP A 99 17.80 1.51 -31.17
CA TRP A 99 17.56 2.62 -30.25
C TRP A 99 17.00 3.86 -30.94
N GLY A 100 16.54 3.74 -32.19
CA GLY A 100 16.02 4.90 -32.88
C GLY A 100 17.04 5.96 -33.24
N GLY A 101 18.32 5.66 -33.10
CA GLY A 101 19.38 6.61 -33.41
C GLY A 101 20.44 6.69 -32.33
N THR A 102 20.90 7.90 -32.03
CA THR A 102 21.88 8.12 -30.98
C THR A 102 21.34 8.99 -29.87
N GLU A 103 20.71 10.12 -30.20
CA GLU A 103 20.09 10.95 -29.17
C GLU A 103 18.84 10.28 -28.61
N ASN A 104 18.10 9.55 -29.46
CA ASN A 104 16.98 8.78 -28.96
C ASN A 104 17.42 7.73 -27.95
N LYS A 105 18.61 7.16 -28.15
CA LYS A 105 19.13 6.16 -27.22
C LYS A 105 19.23 6.71 -25.80
N LYS A 106 19.91 7.85 -25.62
CA LYS A 106 19.99 8.46 -24.31
C LYS A 106 18.62 8.81 -23.76
N VAL A 107 17.72 9.30 -24.62
CA VAL A 107 16.37 9.65 -24.19
C VAL A 107 15.66 8.44 -23.60
N ILE A 108 15.73 7.29 -24.29
CA ILE A 108 15.03 6.10 -23.81
C ILE A 108 15.69 5.57 -22.54
N GLN A 109 17.02 5.67 -22.44
CA GLN A 109 17.70 5.18 -21.24
C GLN A 109 17.28 5.97 -20.02
N ASP A 110 17.16 7.30 -20.16
CA ASP A 110 16.62 8.11 -19.07
C ASP A 110 15.20 7.68 -18.70
N ARG A 111 14.41 7.26 -19.69
CA ARG A 111 13.06 6.77 -19.39
C ARG A 111 13.11 5.39 -18.77
N ILE A 112 14.13 4.60 -19.11
CA ILE A 112 14.32 3.32 -18.45
C ILE A 112 14.66 3.53 -16.98
N VAL A 113 15.53 4.50 -16.68
CA VAL A 113 15.89 4.79 -15.30
C VAL A 113 14.66 5.16 -14.50
N ASP A 114 13.86 6.10 -15.01
CA ASP A 114 12.63 6.49 -14.31
C ASP A 114 11.70 5.30 -14.15
N PHE A 115 11.76 4.34 -15.07
CA PHE A 115 10.96 3.12 -14.94
C PHE A 115 11.54 2.21 -13.86
N LEU A 116 12.86 2.28 -13.63
CA LEU A 116 13.48 1.50 -12.58
C LEU A 116 13.20 2.06 -11.19
N ARG A 117 12.93 3.37 -11.09
CA ARG A 117 12.59 3.95 -9.79
C ARG A 117 11.26 3.42 -9.27
N LEU A 118 10.37 3.01 -10.17
CA LEU A 118 9.10 2.38 -9.83
C LEU A 118 9.21 0.86 -9.70
N GLY A 119 10.41 0.30 -9.85
CA GLY A 119 10.60 -1.12 -9.73
C GLY A 119 10.10 -1.94 -10.90
N ALA A 120 9.83 -1.29 -12.03
CA ALA A 120 9.31 -1.91 -13.25
C ALA A 120 7.97 -2.61 -13.03
N ASN A 121 7.29 -2.34 -11.93
CA ASN A 121 5.99 -2.95 -11.64
C ASN A 121 4.82 -2.07 -12.05
N GLU A 122 4.89 -0.77 -11.76
CA GLU A 122 3.78 0.14 -12.04
C GLU A 122 3.44 0.15 -13.54
N ARG A 123 2.21 0.58 -13.83
CA ARG A 123 1.72 0.64 -15.20
C ARG A 123 2.54 1.63 -16.02
N LEU A 124 2.95 1.20 -17.21
CA LEU A 124 3.65 2.06 -18.15
C LEU A 124 2.67 2.97 -18.87
N HIS A 125 3.04 4.24 -19.04
CA HIS A 125 2.24 5.21 -19.77
C HIS A 125 3.03 5.66 -20.99
N LEU A 126 2.54 5.31 -22.17
CA LEU A 126 3.23 5.52 -23.44
C LEU A 126 3.09 6.94 -23.96
N ASP A 127 2.64 7.88 -23.13
CA ASP A 127 2.57 9.28 -23.53
C ASP A 127 3.76 10.07 -23.00
N ASP A 128 4.21 9.77 -21.79
CA ASP A 128 5.41 10.40 -21.26
C ASP A 128 6.66 9.85 -21.94
N VAL A 129 6.78 8.51 -21.99
CA VAL A 129 7.98 7.89 -22.55
C VAL A 129 8.16 8.24 -24.02
N LEU A 130 7.05 8.35 -24.75
CA LEU A 130 7.11 8.63 -26.19
C LEU A 130 7.38 10.12 -26.39
N SER A 131 8.66 10.45 -26.53
CA SER A 131 9.08 11.81 -26.82
C SER A 131 10.19 11.85 -27.88
N GLY A 132 10.26 10.81 -28.72
CA GLY A 132 11.26 10.73 -29.76
C GLY A 132 10.80 11.33 -31.06
N ILE A 133 11.57 11.07 -32.12
CA ILE A 133 11.29 11.59 -33.45
C ILE A 133 11.20 10.42 -34.41
N LYS A 134 10.95 10.70 -35.69
CA LYS A 134 10.72 9.67 -36.70
C LYS A 134 12.01 9.14 -37.31
N LEU A 135 13.14 9.34 -36.65
CA LEU A 135 14.42 8.86 -37.17
C LEU A 135 14.61 7.37 -36.98
N SER A 136 13.60 6.66 -36.49
CA SER A 136 13.62 5.20 -36.40
C SER A 136 13.07 4.66 -37.72
N LYS A 137 13.97 4.37 -38.66
CA LYS A 137 13.60 3.93 -40.00
C LYS A 137 13.16 2.47 -39.95
N PHE A 138 11.96 2.26 -39.38
CA PHE A 138 11.37 0.94 -39.21
C PHE A 138 12.28 0.01 -38.41
N LYS A 139 12.56 0.44 -37.17
CA LYS A 139 13.38 -0.33 -36.25
C LYS A 139 12.60 -0.72 -35.00
N GLN A 151 2.95 10.91 -45.91
CA GLN A 151 1.65 11.54 -45.73
C GLN A 151 0.98 11.08 -44.44
N ASP A 152 0.71 9.78 -44.36
CA ASP A 152 0.02 9.21 -43.21
C ASP A 152 0.82 8.04 -42.64
N PHE A 153 2.15 8.18 -42.61
CA PHE A 153 2.95 7.24 -41.83
C PHE A 153 2.77 7.50 -40.34
N GLN A 154 2.59 8.76 -39.96
CA GLN A 154 2.43 9.15 -38.55
C GLN A 154 1.34 8.32 -37.87
N ILE A 155 0.12 8.36 -38.40
CA ILE A 155 -0.99 7.65 -37.77
C ILE A 155 -0.73 6.15 -37.77
N ARG A 156 0.02 5.64 -38.75
CA ARG A 156 0.36 4.23 -38.81
C ARG A 156 1.60 3.88 -38.00
N LYS A 157 2.19 4.84 -37.28
CA LYS A 157 3.35 4.59 -36.44
C LYS A 157 2.96 4.18 -35.03
N ARG A 158 1.73 3.69 -34.84
CA ARG A 158 1.39 3.09 -33.55
C ARG A 158 2.09 1.75 -33.34
N LEU A 159 2.89 1.33 -34.32
CA LEU A 159 3.74 0.17 -34.14
C LEU A 159 4.87 0.48 -33.17
N LEU A 160 5.38 1.70 -33.23
CA LEU A 160 6.42 2.13 -32.29
C LEU A 160 5.93 2.02 -30.85
N GLU A 161 4.64 2.29 -30.62
CA GLU A 161 4.08 2.08 -29.29
C GLU A 161 4.25 0.62 -28.86
N GLY A 162 3.88 -0.31 -29.74
CA GLY A 162 4.03 -1.72 -29.40
C GLY A 162 5.48 -2.15 -29.24
N TYR A 163 6.39 -1.54 -30.02
CA TYR A 163 7.81 -1.83 -29.85
C TYR A 163 8.31 -1.32 -28.52
N ILE A 164 8.08 -0.04 -28.23
CA ILE A 164 8.53 0.54 -26.96
C ILE A 164 7.85 -0.15 -25.80
N ASN A 165 6.57 -0.49 -25.95
CA ASN A 165 5.89 -1.21 -24.89
C ASN A 165 6.50 -2.59 -24.69
N TRP A 166 6.94 -3.22 -25.78
CA TRP A 166 7.62 -4.50 -25.66
C TRP A 166 8.99 -4.36 -25.00
N VAL A 167 9.71 -3.29 -25.32
CA VAL A 167 11.03 -3.08 -24.73
C VAL A 167 10.92 -2.93 -23.21
N PHE A 168 9.98 -2.10 -22.75
CA PHE A 168 9.90 -1.81 -21.32
C PHE A 168 9.31 -2.98 -20.53
N ILE A 169 8.15 -3.48 -20.93
CA ILE A 169 7.47 -4.49 -20.11
C ILE A 169 7.98 -5.90 -20.34
N SER A 170 8.64 -6.17 -21.47
CA SER A 170 9.11 -7.52 -21.74
C SER A 170 10.63 -7.68 -21.66
N LEU A 171 11.40 -6.62 -21.83
CA LEU A 171 12.85 -6.70 -21.71
C LEU A 171 13.36 -6.10 -20.42
N VAL A 172 13.01 -4.85 -20.13
CA VAL A 172 13.48 -4.22 -18.90
C VAL A 172 12.94 -4.96 -17.68
N LYS A 173 11.63 -5.21 -17.69
CA LYS A 173 11.01 -5.89 -16.54
C LYS A 173 11.59 -7.28 -16.34
N ASN A 174 11.84 -8.02 -17.43
CA ASN A 174 12.35 -9.38 -17.28
C ASN A 174 13.81 -9.41 -16.89
N ILE A 175 14.58 -8.35 -17.19
CA ILE A 175 15.93 -8.27 -16.67
C ILE A 175 15.89 -8.08 -15.16
N VAL A 176 15.00 -7.22 -14.67
CA VAL A 176 14.88 -6.98 -13.23
C VAL A 176 14.49 -8.25 -12.51
N ARG A 177 13.43 -8.91 -12.99
CA ARG A 177 13.00 -10.17 -12.37
C ARG A 177 14.11 -11.22 -12.41
N ALA A 178 14.96 -11.16 -13.43
CA ALA A 178 16.01 -12.17 -13.57
C ALA A 178 17.01 -12.12 -12.42
N PHE A 179 17.50 -10.93 -12.10
CA PHE A 179 18.58 -10.81 -11.13
C PHE A 179 18.14 -10.39 -9.74
N TRP A 180 17.07 -9.62 -9.60
CA TRP A 180 16.75 -9.03 -8.30
C TRP A 180 15.33 -9.37 -7.84
N TYR A 181 15.17 -9.42 -6.53
CA TYR A 181 13.87 -9.41 -5.88
C TYR A 181 13.67 -7.99 -5.39
N VAL A 182 12.56 -7.36 -5.79
CA VAL A 182 12.35 -5.94 -5.55
C VAL A 182 11.26 -5.78 -4.51
N THR A 183 11.56 -4.99 -3.49
CA THR A 183 10.61 -4.69 -2.44
C THR A 183 10.95 -3.33 -1.86
N GLU A 184 9.95 -2.69 -1.26
CA GLU A 184 10.22 -1.45 -0.56
C GLU A 184 10.60 -1.81 0.88
N SER A 185 10.79 -0.79 1.69
CA SER A 185 11.18 -1.02 3.07
C SER A 185 10.01 -0.80 4.00
N SER A 186 10.22 -1.22 5.24
CA SER A 186 9.39 -0.82 6.35
C SER A 186 10.06 0.26 7.17
N ASN A 187 11.37 0.45 6.99
CA ASN A 187 12.10 1.41 7.80
C ASN A 187 11.47 2.79 7.69
N MET A 188 11.47 3.38 6.48
CA MET A 188 10.39 4.28 6.04
C MET A 188 10.50 4.84 4.62
N ASP A 189 9.44 5.55 4.24
CA ASP A 189 9.22 6.47 3.12
C ASP A 189 9.03 5.80 1.77
N CYS A 190 9.23 4.50 1.63
CA CYS A 190 8.34 3.58 0.93
C CYS A 190 8.37 3.77 -0.59
N SER A 191 9.09 4.79 -1.06
CA SER A 191 9.28 5.02 -2.49
C SER A 191 10.61 4.48 -2.96
N LYS A 192 11.64 4.67 -2.14
CA LYS A 192 12.96 4.10 -2.37
C LYS A 192 12.83 2.59 -2.33
N LEU A 193 13.03 1.95 -3.47
CA LEU A 193 12.94 0.51 -3.59
C LEU A 193 14.35 -0.06 -3.54
N PHE A 194 14.45 -1.32 -3.09
CA PHE A 194 15.74 -1.96 -2.90
C PHE A 194 15.79 -3.22 -3.73
N TYR A 195 16.88 -3.40 -4.46
CA TYR A 195 17.07 -4.55 -5.33
C TYR A 195 18.02 -5.51 -4.63
N PHE A 196 17.47 -6.63 -4.17
CA PHE A 196 18.27 -7.70 -3.59
C PHE A 196 18.49 -8.76 -4.65
N THR A 197 19.71 -9.23 -4.77
CA THR A 197 19.97 -10.33 -5.69
C THR A 197 19.30 -11.58 -5.16
N HIS A 198 18.85 -12.43 -6.10
CA HIS A 198 18.08 -13.62 -5.72
C HIS A 198 18.88 -14.53 -4.80
N SER A 199 20.17 -14.71 -5.06
CA SER A 199 20.97 -15.61 -4.23
C SER A 199 21.08 -15.09 -2.81
N ILE A 200 21.32 -13.79 -2.64
CA ILE A 200 21.42 -13.24 -1.28
C ILE A 200 20.03 -13.06 -0.64
N TRP A 201 18.98 -12.90 -1.44
CA TRP A 201 17.64 -12.75 -0.85
C TRP A 201 17.15 -14.07 -0.28
N ASN A 202 17.28 -15.15 -1.04
CA ASN A 202 16.81 -16.44 -0.57
C ASN A 202 17.57 -16.92 0.66
N GLU A 203 18.86 -16.56 0.77
CA GLU A 203 19.64 -16.98 1.93
C GLU A 203 19.22 -16.19 3.17
N LEU A 204 19.12 -14.86 3.06
CA LEU A 204 18.65 -14.05 4.18
C LEU A 204 17.26 -14.46 4.63
N SER A 205 16.33 -14.62 3.69
CA SER A 205 14.93 -14.87 4.02
C SER A 205 14.75 -16.25 4.65
N SER A 206 15.34 -17.28 4.04
CA SER A 206 15.21 -18.63 4.58
C SER A 206 15.71 -18.73 6.01
N ASN A 207 16.84 -18.06 6.31
CA ASN A 207 17.43 -18.17 7.64
C ASN A 207 16.61 -17.39 8.67
N TRP A 208 16.10 -16.21 8.30
CA TRP A 208 15.25 -15.47 9.23
C TRP A 208 13.96 -16.22 9.51
N ILE A 209 13.32 -16.73 8.45
CA ILE A 209 12.03 -17.40 8.61
C ILE A 209 12.17 -18.64 9.48
N THR A 210 13.20 -19.44 9.23
CA THR A 210 13.42 -20.64 10.03
C THR A 210 13.60 -20.29 11.51
N LYS A 211 14.23 -19.14 11.79
CA LYS A 211 14.37 -18.71 13.18
C LYS A 211 13.05 -18.16 13.71
N TYR A 212 12.33 -17.39 12.88
CA TYR A 212 11.05 -16.83 13.28
C TYR A 212 10.04 -17.93 13.62
N ALA A 213 9.99 -18.98 12.81
CA ALA A 213 9.03 -20.07 13.04
C ALA A 213 9.28 -20.77 14.36
N LYS A 214 10.54 -21.05 14.70
CA LYS A 214 10.84 -21.80 15.92
C LYS A 214 10.37 -21.06 17.16
N GLY A 215 10.54 -19.74 17.18
CA GLY A 215 10.18 -18.96 18.35
C GLY A 215 8.78 -18.42 18.38
N ASN A 216 8.05 -18.47 17.25
CA ASN A 216 6.72 -17.88 17.17
C ASN A 216 5.65 -18.78 16.56
N LEU A 217 6.00 -19.80 15.79
CA LEU A 217 5.01 -20.62 15.10
C LEU A 217 5.07 -22.06 15.59
N VAL A 218 4.12 -22.85 15.07
CA VAL A 218 4.04 -24.29 15.32
C VAL A 218 3.36 -24.92 14.10
N GLN A 219 3.96 -25.98 13.57
CA GLN A 219 3.47 -26.56 12.32
C GLN A 219 2.17 -27.34 12.54
N VAL A 220 1.49 -27.60 11.43
CA VAL A 220 0.19 -28.24 11.41
C VAL A 220 0.32 -29.61 10.75
N VAL A 221 -0.15 -30.64 11.44
CA VAL A 221 0.03 -32.01 10.96
C VAL A 221 -0.84 -32.29 9.74
N SER A 222 -2.16 -32.12 9.88
CA SER A 222 -3.11 -32.52 8.85
C SER A 222 -3.92 -31.31 8.36
N PRO A 223 -4.00 -31.08 7.06
CA PRO A 223 -4.82 -29.98 6.53
C PRO A 223 -6.31 -30.35 6.56
N GLU A 224 -7.12 -29.44 6.04
CA GLU A 224 -8.57 -29.59 6.04
C GLU A 224 -9.14 -29.06 4.72
N SER A 225 -10.45 -29.21 4.55
CA SER A 225 -11.09 -28.88 3.29
C SER A 225 -11.14 -27.37 3.04
N LYS A 226 -11.31 -26.57 4.07
CA LYS A 226 -11.37 -25.11 3.89
C LYS A 226 -9.98 -24.49 3.94
N GLY A 227 -9.09 -25.00 3.09
CA GLY A 227 -7.71 -24.54 3.06
C GLY A 227 -7.43 -23.46 2.04
N GLN A 228 -8.29 -23.32 1.02
CA GLN A 228 -8.10 -22.23 0.08
C GLN A 228 -8.37 -20.87 0.70
N PHE A 229 -8.94 -20.85 1.90
CA PHE A 229 -9.35 -19.62 2.58
C PHE A 229 -8.38 -19.21 3.68
N THR A 230 -7.91 -20.16 4.49
CA THR A 230 -7.06 -19.87 5.64
C THR A 230 -5.58 -20.02 5.34
N ASN A 231 -5.19 -20.41 4.13
CA ASN A 231 -3.77 -20.55 3.81
C ASN A 231 -3.18 -19.20 3.42
N GLY A 232 -1.99 -18.93 3.95
CA GLY A 232 -1.30 -17.70 3.64
C GLY A 232 0.11 -17.97 3.16
N LYS A 233 0.66 -16.98 2.47
CA LYS A 233 2.03 -17.06 1.95
C LYS A 233 2.82 -15.91 2.56
N ILE A 234 4.02 -16.23 3.05
CA ILE A 234 4.83 -15.27 3.79
C ILE A 234 5.55 -14.33 2.82
N LYS A 235 5.45 -13.03 3.09
CA LYS A 235 6.18 -11.99 2.39
C LYS A 235 6.97 -11.19 3.42
N LEU A 236 8.26 -11.01 3.19
CA LEU A 236 9.11 -10.31 4.14
C LEU A 236 9.36 -8.87 3.69
N ILE A 237 9.53 -7.99 4.68
CA ILE A 237 9.82 -6.58 4.44
C ILE A 237 10.94 -6.16 5.39
N PRO A 238 12.03 -5.60 4.87
CA PRO A 238 13.18 -5.26 5.73
C PRO A 238 12.82 -4.27 6.83
N LYS A 239 13.00 -4.70 8.07
CA LYS A 239 13.01 -3.82 9.24
C LYS A 239 14.44 -3.70 9.69
N ARG A 240 14.77 -2.55 10.32
CA ARG A 240 16.15 -2.08 10.40
C ARG A 240 17.17 -3.19 10.62
N GLY A 241 16.98 -3.99 11.67
CA GLY A 241 17.91 -5.08 11.90
C GLY A 241 17.32 -6.44 11.64
N GLY A 242 16.19 -6.48 10.92
CA GLY A 242 15.50 -7.73 10.72
C GLY A 242 14.46 -7.66 9.61
N PHE A 243 13.35 -8.37 9.80
CA PHE A 243 12.26 -8.33 8.84
C PHE A 243 10.93 -8.11 9.57
N ARG A 244 9.96 -7.62 8.80
CA ARG A 244 8.58 -7.54 9.21
C ARG A 244 7.80 -8.55 8.36
N VAL A 245 7.05 -9.43 9.00
CA VAL A 245 6.43 -10.57 8.33
C VAL A 245 4.99 -10.23 7.99
N ILE A 246 4.65 -10.31 6.70
CA ILE A 246 3.30 -10.15 6.19
C ILE A 246 2.86 -11.50 5.63
N CYS A 247 1.55 -11.76 5.71
CA CYS A 247 0.99 -13.05 5.28
C CYS A 247 -0.02 -12.80 4.17
N VAL A 248 0.35 -13.10 2.94
CA VAL A 248 -0.52 -12.93 1.78
C VAL A 248 -1.40 -14.17 1.65
N PRO A 249 -2.73 -14.05 1.73
CA PRO A 249 -3.60 -15.21 1.55
C PRO A 249 -3.39 -15.89 0.20
N LEU A 250 -3.28 -17.21 0.23
CA LEU A 250 -3.20 -18.00 -0.98
C LEU A 250 -4.57 -18.18 -1.58
N LYS A 251 -4.72 -17.84 -2.86
CA LYS A 251 -5.99 -18.11 -3.54
C LYS A 251 -5.99 -19.52 -4.13
N GLN A 252 -5.70 -20.52 -3.30
CA GLN A 252 -5.70 -21.92 -3.68
C GLN A 252 -5.43 -22.77 -2.45
N SER A 253 -5.62 -24.08 -2.60
CA SER A 253 -5.35 -25.04 -1.56
C SER A 253 -3.87 -25.39 -1.50
N LEU A 254 -3.47 -26.02 -0.40
CA LEU A 254 -2.11 -26.55 -0.32
C LEU A 254 -1.86 -27.59 -1.40
N TYR A 255 -2.88 -28.38 -1.73
CA TYR A 255 -2.74 -29.41 -2.76
C TYR A 255 -2.28 -28.83 -4.09
N SER A 256 -3.01 -27.82 -4.59
CA SER A 256 -2.67 -27.26 -5.89
C SER A 256 -1.41 -26.40 -5.86
N PHE A 257 -0.93 -26.00 -4.68
CA PHE A 257 0.31 -25.25 -4.62
C PHE A 257 1.52 -26.16 -4.80
N ASN A 258 1.40 -27.43 -4.42
CA ASN A 258 2.45 -28.41 -4.67
C ASN A 258 2.31 -29.05 -6.03
N ASN A 259 1.07 -29.20 -6.51
CA ASN A 259 0.80 -29.67 -7.87
C ASN A 259 0.71 -28.44 -8.79
N LYS A 260 1.87 -27.84 -9.02
CA LYS A 260 1.99 -26.59 -9.78
C LYS A 260 1.66 -26.74 -11.26
N ARG A 261 1.30 -27.92 -11.73
CA ARG A 261 0.98 -28.13 -13.14
C ARG A 261 -0.49 -28.46 -13.39
N ASN A 262 -1.32 -28.46 -12.35
CA ASN A 262 -2.76 -28.69 -12.51
C ASN A 262 -3.47 -27.34 -12.59
N PHE A 263 -3.29 -26.69 -13.74
CA PHE A 263 -3.79 -25.33 -13.92
C PHE A 263 -5.31 -25.25 -13.85
N ALA A 264 -6.01 -26.32 -14.25
CA ALA A 264 -7.47 -26.32 -14.13
C ALA A 264 -7.91 -26.22 -12.68
N LEU A 265 -7.18 -26.88 -11.78
CA LEU A 265 -7.54 -26.83 -10.36
C LEU A 265 -7.31 -25.45 -9.76
N LYS A 266 -6.17 -24.81 -10.09
CA LYS A 266 -5.90 -23.50 -9.52
C LYS A 266 -6.91 -22.47 -9.98
N GLN A 267 -7.37 -22.58 -11.23
CA GLN A 267 -8.38 -21.64 -11.72
C GLN A 267 -9.71 -21.85 -11.01
N LYS A 268 -10.08 -23.10 -10.74
CA LYS A 268 -11.29 -23.38 -10.00
C LYS A 268 -11.17 -22.88 -8.57
N GLU A 269 -10.07 -23.24 -7.89
CA GLU A 269 -9.86 -22.79 -6.52
C GLU A 269 -9.64 -21.28 -6.44
N LYS A 270 -9.21 -20.65 -7.54
CA LYS A 270 -9.11 -19.20 -7.54
C LYS A 270 -10.50 -18.57 -7.50
N TRP A 271 -11.44 -19.09 -8.31
CA TRP A 271 -12.79 -18.58 -8.26
C TRP A 271 -13.50 -18.99 -6.96
N ASP A 272 -13.12 -20.13 -6.39
CA ASP A 272 -13.58 -20.47 -5.06
C ASP A 272 -13.28 -19.35 -4.08
N TYR A 273 -12.06 -18.81 -4.15
CA TYR A 273 -11.69 -17.71 -3.28
C TYR A 273 -12.48 -16.45 -3.62
N ILE A 274 -12.60 -16.14 -4.92
CA ILE A 274 -13.31 -14.93 -5.32
C ILE A 274 -14.72 -14.93 -4.77
N PHE A 275 -15.41 -16.08 -4.85
CA PHE A 275 -16.75 -16.16 -4.28
C PHE A 275 -16.72 -16.15 -2.77
N TYR A 276 -15.68 -16.73 -2.16
CA TYR A 276 -15.53 -16.61 -0.72
C TYR A 276 -15.28 -15.17 -0.33
N GLN A 277 -14.43 -14.48 -1.08
CA GLN A 277 -14.19 -13.05 -0.84
C GLN A 277 -15.47 -12.25 -1.03
N LYS A 278 -16.26 -12.55 -2.08
CA LYS A 278 -17.42 -11.74 -2.42
C LYS A 278 -18.55 -11.89 -1.40
N TYR A 279 -18.90 -13.14 -1.06
CA TYR A 279 -20.10 -13.40 -0.28
C TYR A 279 -19.86 -13.76 1.18
N THR A 280 -18.63 -14.08 1.57
CA THR A 280 -18.36 -14.41 2.96
C THR A 280 -17.47 -13.40 3.67
N LEU A 281 -16.28 -13.11 3.13
CA LEU A 281 -15.36 -12.19 3.82
C LEU A 281 -15.93 -10.79 3.88
N SER A 282 -16.22 -10.20 2.72
CA SER A 282 -16.74 -8.84 2.67
C SER A 282 -17.96 -8.61 3.56
N PRO A 283 -19.01 -9.45 3.53
CA PRO A 283 -20.10 -9.27 4.52
C PRO A 283 -19.63 -9.23 5.96
N VAL A 284 -18.81 -10.19 6.39
CA VAL A 284 -18.32 -10.21 7.75
C VAL A 284 -17.55 -8.93 8.06
N ARG A 285 -16.68 -8.52 7.13
CA ARG A 285 -15.95 -7.27 7.30
C ARG A 285 -16.91 -6.10 7.51
N GLN A 286 -17.99 -6.05 6.72
CA GLN A 286 -18.91 -4.91 6.80
C GLN A 286 -19.64 -4.86 8.13
N VAL A 287 -20.11 -6.01 8.64
CA VAL A 287 -20.93 -6.01 9.84
C VAL A 287 -20.10 -5.65 11.06
N LEU A 288 -18.87 -6.18 11.15
CA LEU A 288 -17.99 -5.80 12.25
C LEU A 288 -17.74 -4.31 12.25
N GLN A 289 -17.59 -3.71 11.06
CA GLN A 289 -17.36 -2.28 10.98
C GLN A 289 -18.60 -1.50 11.40
N LEU A 290 -19.78 -1.98 11.03
CA LEU A 290 -21.03 -1.35 11.47
C LEU A 290 -21.12 -1.34 12.99
N LYS A 291 -20.93 -2.50 13.62
CA LYS A 291 -20.97 -2.57 15.08
C LYS A 291 -19.95 -1.61 15.70
N LEU A 292 -18.75 -1.56 15.14
CA LEU A 292 -17.71 -0.69 15.66
C LEU A 292 -18.07 0.78 15.45
N ASN A 293 -18.65 1.12 14.30
CA ASN A 293 -19.08 2.49 14.06
C ASN A 293 -20.26 2.88 14.94
N ALA A 294 -21.11 1.92 15.29
CA ALA A 294 -22.23 2.17 16.19
C ALA A 294 -21.80 2.15 17.65
N LEU A 295 -20.50 2.06 17.91
CA LEU A 295 -19.94 2.22 19.24
C LEU A 295 -19.20 3.53 19.41
N ARG A 296 -18.49 3.97 18.37
CA ARG A 296 -17.88 5.30 18.39
C ARG A 296 -18.94 6.37 18.59
N LYS A 297 -20.12 6.18 18.01
CA LYS A 297 -21.22 7.13 18.12
C LYS A 297 -22.13 6.88 19.31
N SER A 298 -21.93 5.80 20.06
CA SER A 298 -22.89 5.52 21.12
C SER A 298 -22.27 5.35 22.49
N ASP A 299 -21.07 4.77 22.57
CA ASP A 299 -20.44 4.51 23.86
C ASP A 299 -19.38 5.55 24.14
N MET A 300 -19.30 5.97 25.41
CA MET A 300 -18.30 6.94 25.81
C MET A 300 -16.90 6.37 25.68
N GLY A 301 -16.71 5.12 26.11
CA GLY A 301 -15.39 4.50 26.07
C GLY A 301 -14.83 4.37 24.66
N HIS A 302 -15.71 4.20 23.67
CA HIS A 302 -15.24 4.02 22.30
C HIS A 302 -14.98 5.34 21.59
N ARG A 303 -15.38 6.47 22.19
CA ARG A 303 -15.14 7.77 21.57
C ARG A 303 -13.66 8.15 21.64
N SER A 304 -12.90 7.52 22.53
CA SER A 304 -11.46 7.74 22.57
C SER A 304 -10.74 7.10 21.40
N SER A 305 -11.36 6.13 20.75
CA SER A 305 -10.77 5.52 19.57
C SER A 305 -10.93 6.46 18.38
N VAL A 306 -9.93 6.45 17.50
CA VAL A 306 -9.88 7.38 16.39
C VAL A 306 -9.37 6.64 15.16
N ASN A 307 -9.95 6.95 14.01
CA ASN A 307 -9.72 6.18 12.80
C ASN A 307 -8.66 6.75 11.87
N SER A 308 -8.10 7.93 12.15
CA SER A 308 -7.18 8.52 11.18
C SER A 308 -6.30 9.58 11.82
N THR A 309 -5.24 9.97 11.09
CA THR A 309 -4.29 10.96 11.60
C THR A 309 -4.96 12.32 11.76
N ASN A 310 -5.60 12.82 10.71
CA ASN A 310 -6.28 14.11 10.78
C ASN A 310 -7.37 14.14 11.83
N GLU A 311 -7.91 12.98 12.21
CA GLU A 311 -8.89 12.95 13.28
C GLU A 311 -8.23 13.21 14.62
N VAL A 312 -6.96 12.79 14.77
CA VAL A 312 -6.20 13.14 15.97
C VAL A 312 -6.02 14.65 16.05
N ALA A 313 -5.56 15.25 14.96
CA ALA A 313 -5.37 16.70 14.92
C ALA A 313 -6.67 17.44 15.21
N ASP A 314 -7.78 16.98 14.64
CA ASP A 314 -9.06 17.68 14.83
C ASP A 314 -9.55 17.55 16.27
N ARG A 315 -9.40 16.38 16.88
CA ARG A 315 -9.85 16.21 18.25
C ARG A 315 -8.97 16.99 19.23
N ILE A 316 -7.68 17.14 18.91
CA ILE A 316 -6.80 17.95 19.75
C ILE A 316 -7.15 19.42 19.62
N LEU A 317 -7.28 19.91 18.38
CA LEU A 317 -7.63 21.31 18.18
C LEU A 317 -9.03 21.62 18.71
N THR A 318 -9.91 20.61 18.77
CA THR A 318 -11.21 20.82 19.41
C THR A 318 -11.06 20.87 20.93
N PHE A 319 -10.28 19.94 21.48
CA PHE A 319 -9.99 19.96 22.91
C PHE A 319 -9.37 21.30 23.32
N ARG A 320 -8.44 21.82 22.51
CA ARG A 320 -7.87 23.13 22.78
C ARG A 320 -8.96 24.20 22.78
N ASN A 321 -9.83 24.16 21.77
CA ASN A 321 -10.90 25.14 21.69
C ASN A 321 -11.88 25.01 22.85
N ASP A 322 -12.13 23.77 23.30
CA ASP A 322 -13.01 23.58 24.46
C ASP A 322 -12.42 24.25 25.70
N LEU A 323 -11.11 24.06 25.93
CA LEU A 323 -10.46 24.72 27.06
C LEU A 323 -10.58 26.23 26.96
N LEU A 324 -10.34 26.79 25.78
CA LEU A 324 -10.41 28.24 25.62
C LEU A 324 -11.81 28.75 25.92
N LYS A 325 -12.83 28.09 25.37
CA LYS A 325 -14.21 28.44 25.70
C LYS A 325 -14.48 28.26 27.19
N LYS A 326 -14.32 27.03 27.68
CA LYS A 326 -14.69 26.70 29.06
C LYS A 326 -13.84 27.40 30.11
N ASN A 327 -12.68 27.95 29.73
CA ASN A 327 -11.77 28.48 30.75
C ASN A 327 -11.22 29.86 30.46
N LYS A 328 -11.40 30.41 29.25
CA LYS A 328 -10.97 31.73 28.85
C LYS A 328 -9.45 31.84 28.73
N THR A 329 -8.72 30.78 29.03
CA THR A 329 -7.26 30.73 29.04
C THR A 329 -6.84 29.27 29.09
N LEU A 330 -5.71 28.97 28.48
CA LEU A 330 -5.21 27.60 28.51
C LEU A 330 -4.47 27.36 29.81
N PRO A 331 -4.73 26.25 30.50
CA PRO A 331 -3.99 25.96 31.74
C PRO A 331 -2.72 25.17 31.46
N VAL A 332 -1.94 24.89 32.50
CA VAL A 332 -0.77 24.04 32.36
C VAL A 332 -1.23 22.62 32.07
N LEU A 333 -0.66 22.00 31.05
CA LEU A 333 -1.10 20.70 30.57
C LEU A 333 -0.01 19.66 30.73
N TYR A 334 -0.43 18.40 30.79
CA TYR A 334 0.48 17.28 30.98
C TYR A 334 0.11 16.21 29.96
N MET A 335 1.03 15.89 29.06
CA MET A 335 0.76 14.89 28.04
C MET A 335 1.83 13.82 28.01
N ILE A 336 1.41 12.58 27.72
CA ILE A 336 2.30 11.42 27.63
C ILE A 336 1.84 10.56 26.47
N LYS A 337 2.79 10.04 25.69
CA LYS A 337 2.50 9.15 24.57
C LYS A 337 3.12 7.78 24.82
N PHE A 338 2.36 6.73 24.52
CA PHE A 338 2.81 5.35 24.64
C PHE A 338 2.22 4.52 23.51
N ASP A 339 2.88 3.39 23.21
CA ASP A 339 2.46 2.51 22.13
C ASP A 339 2.62 1.06 22.54
N MET A 340 2.02 0.17 21.75
CA MET A 340 2.00 -1.26 22.06
C MET A 340 3.00 -2.02 21.20
N LYS A 341 3.80 -2.86 21.85
CA LYS A 341 4.86 -3.65 21.22
C LYS A 341 4.25 -4.79 20.41
N GLU A 342 4.29 -4.68 19.08
CA GLU A 342 3.89 -5.77 18.19
C GLU A 342 2.45 -6.21 18.46
N CYS A 343 1.52 -5.28 18.25
CA CYS A 343 0.12 -5.54 18.60
C CYS A 343 -0.45 -6.73 17.84
N TYR A 344 -0.02 -6.95 16.60
CA TYR A 344 -0.54 -8.11 15.87
C TYR A 344 0.09 -9.41 16.35
N ASP A 345 1.41 -9.39 16.60
CA ASP A 345 2.10 -10.61 17.00
C ASP A 345 1.62 -11.12 18.35
N ARG A 346 1.46 -10.23 19.33
CA ARG A 346 1.17 -10.62 20.71
C ARG A 346 -0.31 -10.57 21.04
N LEU A 347 -1.16 -10.18 20.09
CA LEU A 347 -2.61 -10.15 20.28
C LEU A 347 -3.10 -11.43 20.95
N ASN A 348 -3.94 -11.28 21.97
CA ASN A 348 -4.48 -12.42 22.70
C ASN A 348 -5.72 -12.92 21.96
N GLN A 349 -5.61 -14.08 21.32
CA GLN A 349 -6.70 -14.58 20.49
C GLN A 349 -7.97 -14.80 21.31
N ASN A 350 -7.83 -15.24 22.56
CA ASN A 350 -9.01 -15.48 23.38
C ASN A 350 -9.64 -14.17 23.81
N ALA A 351 -8.83 -13.21 24.26
CA ALA A 351 -9.36 -11.88 24.57
C ALA A 351 -10.05 -11.27 23.36
N LEU A 352 -9.61 -11.63 22.16
CA LEU A 352 -10.24 -11.11 20.94
C LEU A 352 -11.58 -11.78 20.70
N LYS A 353 -11.62 -13.12 20.77
CA LYS A 353 -12.86 -13.84 20.54
C LYS A 353 -13.97 -13.39 21.51
N GLU A 354 -13.59 -12.93 22.70
CA GLU A 354 -14.59 -12.40 23.61
C GLU A 354 -15.02 -10.99 23.22
N SER A 355 -14.07 -10.18 22.75
CA SER A 355 -14.41 -8.86 22.24
C SER A 355 -15.43 -8.97 21.11
N ILE A 356 -15.25 -9.95 20.22
CA ILE A 356 -16.14 -10.11 19.09
C ILE A 356 -17.53 -10.49 19.56
N ALA A 357 -17.62 -11.47 20.45
CA ALA A 357 -18.90 -11.80 21.06
C ALA A 357 -19.50 -10.60 21.78
N GLY A 358 -18.66 -9.74 22.35
CA GLY A 358 -19.16 -8.61 23.11
C GLY A 358 -20.00 -7.66 22.28
N ILE A 359 -19.50 -7.27 21.10
CA ILE A 359 -20.21 -6.30 20.29
C ILE A 359 -21.42 -6.95 19.61
N PHE A 360 -21.60 -8.26 19.83
CA PHE A 360 -22.78 -8.97 19.39
C PHE A 360 -23.68 -9.39 20.55
N LYS A 361 -23.46 -8.86 21.75
CA LYS A 361 -24.10 -9.36 22.96
C LYS A 361 -25.63 -9.25 22.94
N GLU A 362 -26.20 -8.38 22.12
CA GLU A 362 -27.63 -8.13 22.13
C GLU A 362 -28.35 -8.73 20.93
N ASP A 363 -27.75 -9.73 20.26
CA ASP A 363 -28.23 -10.12 18.94
C ASP A 363 -28.95 -11.46 18.86
N ASN A 364 -28.83 -12.36 19.83
CA ASN A 364 -29.76 -13.49 19.88
C ASN A 364 -29.72 -14.30 18.58
N GLU A 365 -28.57 -14.96 18.35
CA GLU A 365 -27.77 -15.00 17.13
C GLU A 365 -28.49 -15.26 15.81
N ASN A 366 -29.64 -15.93 15.81
CA ASN A 366 -30.29 -16.19 14.53
C ASN A 366 -30.75 -14.92 13.82
N THR A 367 -30.48 -13.75 14.41
CA THR A 367 -30.67 -12.49 13.69
C THR A 367 -29.76 -12.44 12.46
N THR A 368 -30.27 -11.85 11.39
CA THR A 368 -29.59 -11.78 10.10
C THR A 368 -29.30 -10.33 9.74
N TYR A 369 -28.15 -10.12 9.08
CA TYR A 369 -27.68 -8.81 8.68
C TYR A 369 -27.66 -8.69 7.16
N HIS A 370 -28.02 -7.51 6.66
CA HIS A 370 -28.11 -7.25 5.22
C HIS A 370 -27.10 -6.16 4.85
N VAL A 371 -26.08 -6.55 4.10
CA VAL A 371 -25.01 -5.66 3.67
C VAL A 371 -24.88 -5.71 2.15
N ARG A 372 -24.16 -4.73 1.61
CA ARG A 372 -24.02 -4.57 0.18
C ARG A 372 -23.07 -5.60 -0.43
N GLU A 373 -23.34 -5.98 -1.68
CA GLU A 373 -22.48 -6.88 -2.45
C GLU A 373 -21.51 -6.05 -3.27
N TYR A 374 -20.22 -6.20 -3.00
CA TYR A 374 -19.18 -5.50 -3.73
C TYR A 374 -18.48 -6.44 -4.70
N GLY A 375 -17.97 -5.88 -5.79
CA GLY A 375 -17.31 -6.64 -6.83
C GLY A 375 -15.87 -6.97 -6.49
N THR A 376 -15.23 -7.67 -7.41
CA THR A 376 -13.85 -8.12 -7.26
C THR A 376 -13.03 -7.63 -8.44
N LEU A 377 -11.77 -7.28 -8.17
CA LEU A 377 -10.89 -6.87 -9.27
C LEU A 377 -10.72 -8.00 -10.28
N ASP A 378 -10.51 -9.23 -9.80
CA ASP A 378 -10.39 -10.37 -10.70
C ASP A 378 -11.65 -10.58 -11.51
N GLU A 379 -12.82 -10.19 -10.99
CA GLU A 379 -14.04 -10.27 -11.78
C GLU A 379 -14.02 -9.28 -12.95
N PHE A 380 -13.32 -8.16 -12.78
CA PHE A 380 -13.29 -7.15 -13.84
C PHE A 380 -12.29 -7.50 -14.94
N LEU A 381 -11.05 -7.87 -14.57
CA LEU A 381 -10.04 -8.09 -15.59
C LEU A 381 -10.14 -9.48 -16.23
N LYS A 382 -10.64 -10.48 -15.50
CA LYS A 382 -10.76 -11.80 -16.09
C LYS A 382 -11.96 -11.91 -17.04
N LEU A 383 -13.09 -11.32 -16.67
CA LEU A 383 -14.30 -11.45 -17.46
C LEU A 383 -14.50 -10.34 -18.50
N LYS A 384 -13.75 -9.23 -18.42
CA LYS A 384 -13.96 -8.13 -19.35
C LYS A 384 -12.70 -7.27 -19.44
N ARG A 385 -12.86 -6.10 -20.05
CA ARG A 385 -11.80 -5.18 -20.47
C ARG A 385 -11.46 -4.14 -19.38
N VAL A 386 -10.67 -3.14 -19.78
CA VAL A 386 -9.83 -2.26 -18.97
C VAL A 386 -10.38 -0.84 -19.05
N ARG A 387 -9.74 0.11 -18.34
CA ARG A 387 -10.30 1.45 -18.07
C ARG A 387 -11.61 1.41 -17.28
N THR A 388 -11.48 0.90 -16.05
CA THR A 388 -12.54 0.81 -15.05
C THR A 388 -13.22 2.14 -14.70
N LEU A 389 -12.63 3.28 -15.09
CA LEU A 389 -13.24 4.58 -14.86
C LEU A 389 -13.73 5.14 -16.18
N ILE A 390 -15.05 5.26 -16.30
CA ILE A 390 -15.70 5.73 -17.52
C ILE A 390 -16.31 7.11 -17.26
N GLU A 391 -16.32 7.94 -18.30
CA GLU A 391 -16.90 9.27 -18.24
C GLU A 391 -18.37 9.27 -18.66
N THR A 392 -19.05 8.13 -18.54
CA THR A 392 -20.47 7.96 -18.87
C THR A 392 -20.96 8.77 -20.09
N VAL A 421 -28.03 -1.26 -5.75
CA VAL A 421 -28.07 -1.65 -4.34
C VAL A 421 -27.41 -3.02 -4.17
N LYS A 422 -28.12 -4.07 -4.60
CA LYS A 422 -27.57 -5.44 -4.64
C LYS A 422 -27.06 -5.89 -3.27
N THR A 423 -27.98 -5.98 -2.32
CA THR A 423 -27.63 -6.34 -0.95
C THR A 423 -27.60 -7.86 -0.77
N LEU A 424 -26.82 -8.30 0.22
CA LEU A 424 -26.65 -9.70 0.59
C LEU A 424 -27.08 -9.92 2.03
N SER A 425 -27.30 -11.18 2.38
CA SER A 425 -27.71 -11.57 3.73
C SER A 425 -26.65 -12.45 4.36
N ILE A 426 -26.28 -12.14 5.60
CA ILE A 426 -25.31 -12.90 6.37
C ILE A 426 -25.81 -13.00 7.81
N SER A 427 -25.66 -14.18 8.41
CA SER A 427 -26.16 -14.43 9.75
C SER A 427 -25.06 -14.26 10.78
N LYS A 428 -25.44 -13.79 11.97
CA LYS A 428 -24.47 -13.66 13.06
C LYS A 428 -23.75 -14.97 13.33
N ASN A 429 -24.47 -16.09 13.21
CA ASN A 429 -23.87 -17.40 13.36
C ASN A 429 -22.64 -17.54 12.47
N LYS A 430 -22.83 -17.36 11.16
CA LYS A 430 -21.74 -17.48 10.21
C LYS A 430 -20.62 -16.48 10.52
N ILE A 431 -20.98 -15.27 10.97
CA ILE A 431 -19.99 -14.25 11.27
C ILE A 431 -19.04 -14.74 12.35
N ILE A 432 -19.58 -15.27 13.44
CA ILE A 432 -18.72 -15.78 14.51
C ILE A 432 -17.88 -16.94 14.01
N GLU A 433 -18.44 -17.76 13.12
CA GLU A 433 -17.70 -18.92 12.61
C GLU A 433 -16.50 -18.47 11.79
N VAL A 434 -16.70 -17.51 10.89
CA VAL A 434 -15.62 -17.03 10.04
C VAL A 434 -14.54 -16.35 10.88
N CYS A 435 -14.95 -15.47 11.80
CA CYS A 435 -13.98 -14.82 12.67
C CYS A 435 -13.12 -15.85 13.40
N HIS A 436 -13.77 -16.85 14.00
CA HIS A 436 -13.03 -17.89 14.68
C HIS A 436 -12.11 -18.63 13.71
N SER A 437 -12.61 -18.92 12.51
CA SER A 437 -11.79 -19.63 11.53
C SER A 437 -10.53 -18.84 11.18
N GLN A 438 -10.67 -17.55 10.94
CA GLN A 438 -9.51 -16.72 10.62
C GLN A 438 -8.55 -16.61 11.80
N ILE A 439 -9.08 -16.58 13.03
CA ILE A 439 -8.23 -16.45 14.19
C ILE A 439 -7.50 -17.75 14.48
N GLU A 440 -8.24 -18.85 14.55
CA GLU A 440 -7.68 -20.14 14.96
C GLU A 440 -6.96 -20.85 13.82
N ASP A 441 -7.54 -20.88 12.62
CA ASP A 441 -7.06 -21.75 11.54
C ASP A 441 -6.10 -21.07 10.56
N ALA A 442 -5.77 -19.80 10.75
CA ALA A 442 -4.88 -19.12 9.82
C ALA A 442 -3.49 -19.75 9.81
N THR A 443 -3.12 -20.36 8.69
CA THR A 443 -1.81 -20.98 8.52
C THR A 443 -1.03 -20.29 7.41
N CYS A 444 0.29 -20.34 7.52
CA CYS A 444 1.16 -19.83 6.47
C CYS A 444 2.05 -20.96 5.93
N LEU A 445 2.61 -20.73 4.75
CA LEU A 445 3.51 -21.69 4.12
C LEU A 445 4.96 -21.22 4.28
N VAL A 446 5.82 -22.11 4.75
CA VAL A 446 7.23 -21.83 4.95
C VAL A 446 8.05 -22.83 4.15
N LYS A 447 9.12 -22.35 3.52
CA LYS A 447 9.98 -23.22 2.73
C LYS A 447 10.78 -24.14 3.65
N ASN A 448 10.69 -25.44 3.40
CA ASN A 448 11.45 -26.42 4.15
C ASN A 448 12.94 -26.41 3.80
N LYS A 449 13.32 -25.61 2.81
CA LYS A 449 14.66 -25.44 2.25
C LYS A 449 15.06 -26.63 1.36
N GLU A 450 14.23 -27.67 1.27
CA GLU A 450 14.38 -28.71 0.26
C GLU A 450 13.15 -28.80 -0.64
N GLY A 451 12.26 -27.80 -0.60
CA GLY A 451 11.07 -27.81 -1.40
C GLY A 451 9.95 -28.70 -0.88
N GLN A 452 9.47 -28.45 0.33
CA GLN A 452 8.39 -29.26 0.88
C GLN A 452 7.23 -28.39 1.35
N TYR A 453 7.51 -27.13 1.70
CA TYR A 453 6.46 -26.15 1.97
C TYR A 453 5.52 -26.61 3.07
N ASP A 454 6.07 -26.77 4.27
CA ASP A 454 5.27 -27.12 5.43
C ASP A 454 4.35 -25.97 5.84
N LEU A 455 3.27 -26.32 6.53
CA LEU A 455 2.22 -25.38 6.91
C LEU A 455 2.26 -25.13 8.42
N PHE A 456 2.53 -23.88 8.80
CA PHE A 456 2.66 -23.50 10.20
C PHE A 456 1.48 -22.64 10.68
N LYS A 457 1.32 -22.59 12.00
CA LYS A 457 0.27 -21.85 12.66
C LYS A 457 0.87 -20.93 13.72
N ARG A 458 0.21 -19.80 13.95
CA ARG A 458 0.64 -18.92 15.03
C ARG A 458 0.32 -19.54 16.38
N LYS A 459 1.29 -19.53 17.29
CA LYS A 459 1.00 -19.92 18.67
C LYS A 459 0.07 -18.90 19.32
N GLN A 460 0.30 -17.62 19.06
CA GLN A 460 -0.50 -16.54 19.62
C GLN A 460 -0.49 -15.36 18.65
N GLY A 461 -1.59 -14.60 18.64
CA GLY A 461 -1.71 -13.46 17.78
C GLY A 461 -2.21 -13.80 16.39
N VAL A 462 -2.42 -12.75 15.61
CA VAL A 462 -2.92 -12.88 14.25
C VAL A 462 -1.87 -12.41 13.26
N PHE A 463 -1.96 -12.93 12.04
CA PHE A 463 -1.06 -12.57 10.96
C PHE A 463 -1.48 -11.21 10.38
N GLN A 464 -0.51 -10.33 10.18
CA GLN A 464 -0.76 -9.08 9.48
C GLN A 464 -0.79 -9.36 7.98
N GLY A 465 -1.93 -9.09 7.35
CA GLY A 465 -2.08 -9.39 5.93
C GLY A 465 -3.39 -10.09 5.62
N PHE A 466 -3.97 -10.74 6.62
CA PHE A 466 -5.28 -11.35 6.47
C PHE A 466 -6.36 -10.27 6.53
N SER A 467 -7.41 -10.45 5.73
CA SER A 467 -8.39 -9.39 5.52
C SER A 467 -9.05 -8.92 6.81
N LEU A 468 -9.03 -9.72 7.88
CA LEU A 468 -9.70 -9.34 9.11
C LEU A 468 -8.74 -8.88 10.20
N SER A 469 -7.43 -9.08 10.02
CA SER A 469 -6.46 -8.76 11.06
C SER A 469 -6.65 -7.33 11.57
N GLY A 470 -6.70 -6.36 10.66
CA GLY A 470 -6.75 -4.97 11.09
C GLY A 470 -8.01 -4.65 11.89
N ILE A 471 -9.16 -5.11 11.42
CA ILE A 471 -10.39 -4.81 12.15
C ILE A 471 -10.45 -5.60 13.45
N PHE A 472 -9.80 -6.78 13.50
CA PHE A 472 -9.68 -7.50 14.76
C PHE A 472 -8.98 -6.65 15.80
N CYS A 473 -7.81 -6.11 15.45
CA CYS A 473 -7.07 -5.27 16.37
C CYS A 473 -7.88 -4.05 16.78
N ASP A 474 -8.78 -3.59 15.90
CA ASP A 474 -9.61 -2.44 16.25
C ASP A 474 -10.68 -2.83 17.26
N ILE A 475 -11.25 -4.03 17.12
CA ILE A 475 -12.30 -4.45 18.04
C ILE A 475 -11.72 -4.71 19.44
N LEU A 476 -10.53 -5.29 19.51
CA LEU A 476 -9.98 -5.67 20.81
C LEU A 476 -9.48 -4.46 21.57
N TYR A 477 -8.79 -3.53 20.90
CA TYR A 477 -8.27 -2.37 21.61
C TYR A 477 -9.37 -1.36 21.93
N SER A 478 -10.41 -1.27 21.10
CA SER A 478 -11.55 -0.43 21.43
C SER A 478 -12.25 -0.98 22.67
N THR A 479 -12.52 -2.28 22.67
CA THR A 479 -13.10 -2.92 23.85
C THR A 479 -12.19 -2.78 25.05
N MET A 480 -10.88 -2.98 24.86
CA MET A 480 -9.93 -2.82 25.97
C MET A 480 -9.99 -1.42 26.54
N VAL A 481 -9.83 -0.41 25.69
CA VAL A 481 -9.79 0.98 26.14
C VAL A 481 -11.07 1.33 26.90
N SER A 482 -12.22 0.91 26.38
CA SER A 482 -13.48 1.24 27.04
C SER A 482 -13.64 0.51 28.37
N LYS A 483 -12.83 -0.51 28.63
CA LYS A 483 -12.93 -1.30 29.86
C LYS A 483 -11.92 -0.90 30.92
N GLU A 484 -10.69 -0.55 30.54
CA GLU A 484 -9.64 -0.28 31.52
C GLU A 484 -9.45 1.18 31.85
N PHE A 485 -9.89 2.11 30.99
CA PHE A 485 -9.77 3.54 31.24
C PHE A 485 -11.12 4.18 31.58
N LYS A 486 -11.99 3.44 32.26
CA LYS A 486 -13.33 3.89 32.62
C LYS A 486 -13.35 5.29 33.22
N PHE A 487 -12.30 5.69 33.92
CA PHE A 487 -12.33 6.87 34.78
C PHE A 487 -12.14 8.19 34.02
N LEU A 488 -12.26 8.21 32.70
CA LEU A 488 -12.03 9.42 31.92
C LEU A 488 -13.17 9.76 30.97
N TRP A 489 -14.29 9.03 31.01
CA TRP A 489 -15.34 9.18 30.01
C TRP A 489 -16.47 10.10 30.45
N GLU A 490 -16.43 10.62 31.67
CA GLU A 490 -17.46 11.54 32.14
C GLU A 490 -16.87 12.86 32.62
N ALA A 491 -15.59 13.10 32.33
CA ALA A 491 -14.91 14.34 32.65
C ALA A 491 -14.08 14.79 31.46
N THR A 492 -14.65 14.68 30.25
CA THR A 492 -13.96 15.00 29.01
C THR A 492 -13.61 16.49 28.91
N GLU A 493 -14.02 17.27 29.91
CA GLU A 493 -13.72 18.70 29.90
C GLU A 493 -12.23 18.96 29.96
N ASP A 494 -11.50 18.24 30.83
CA ASP A 494 -10.08 18.50 31.04
C ASP A 494 -9.27 17.20 31.05
N ASN A 495 -9.53 16.32 30.09
CA ASN A 495 -8.69 15.15 29.83
C ASN A 495 -9.07 14.59 28.47
N LEU A 496 -8.06 14.15 27.70
CA LEU A 496 -8.27 13.65 26.35
C LEU A 496 -7.40 12.43 26.13
N LEU A 497 -8.02 11.30 25.80
CA LEU A 497 -7.31 10.10 25.39
C LEU A 497 -7.66 9.81 23.94
N LEU A 498 -6.62 9.60 23.12
CA LEU A 498 -6.79 9.35 21.70
C LEU A 498 -6.01 8.11 21.31
N ARG A 499 -6.63 7.25 20.49
CA ARG A 499 -6.00 6.01 20.05
C ARG A 499 -6.02 5.92 18.53
N LEU A 500 -4.85 5.89 17.92
CA LEU A 500 -4.67 5.32 16.59
C LEU A 500 -4.20 3.89 16.83
N VAL A 501 -4.11 3.10 15.76
CA VAL A 501 -4.25 1.65 15.88
C VAL A 501 -3.43 1.07 17.04
N ASP A 502 -2.14 1.36 17.11
CA ASP A 502 -1.34 0.93 18.26
C ASP A 502 -0.60 2.09 18.93
N ASP A 503 -0.97 3.33 18.63
CA ASP A 503 -0.36 4.52 19.21
C ASP A 503 -1.36 5.24 20.10
N PHE A 504 -0.92 5.64 21.29
CA PHE A 504 -1.76 6.30 22.27
C PHE A 504 -1.16 7.63 22.69
N ILE A 505 -2.02 8.62 22.94
CA ILE A 505 -1.61 9.89 23.52
C ILE A 505 -2.67 10.33 24.53
N PHE A 506 -2.22 10.78 25.70
CA PHE A 506 -3.10 11.28 26.74
C PHE A 506 -2.71 12.70 27.12
N ILE A 507 -3.62 13.65 26.91
CA ILE A 507 -3.43 15.04 27.29
C ILE A 507 -4.39 15.36 28.42
N THR A 508 -3.88 16.07 29.43
CA THR A 508 -4.71 16.42 30.59
C THR A 508 -4.10 17.62 31.30
N SER A 509 -4.91 18.21 32.19
CA SER A 509 -4.46 19.26 33.09
C SER A 509 -4.56 18.81 34.55
N ASN A 510 -4.53 17.51 34.79
CA ASN A 510 -4.76 16.94 36.11
C ASN A 510 -3.59 16.01 36.45
N LYS A 511 -2.75 16.43 37.40
CA LYS A 511 -1.61 15.61 37.80
C LYS A 511 -2.03 14.30 38.44
N ASP A 512 -3.26 14.23 38.98
CA ASP A 512 -3.69 13.01 39.65
C ASP A 512 -4.22 11.98 38.65
N THR A 513 -5.05 12.42 37.68
CA THR A 513 -5.50 11.47 36.67
C THR A 513 -4.37 11.08 35.73
N LEU A 514 -3.31 11.89 35.65
CA LEU A 514 -2.13 11.48 34.91
C LEU A 514 -1.45 10.30 35.60
N LYS A 515 -1.43 10.30 36.93
CA LYS A 515 -0.86 9.17 37.66
C LYS A 515 -1.64 7.89 37.40
N LYS A 516 -2.97 7.99 37.32
CA LYS A 516 -3.78 6.79 37.09
C LYS A 516 -3.49 6.18 35.73
N VAL A 517 -3.22 7.02 34.72
CA VAL A 517 -2.87 6.48 33.41
C VAL A 517 -1.46 5.90 33.45
N LYS A 518 -0.53 6.60 34.08
CA LYS A 518 0.83 6.09 34.19
C LYS A 518 0.91 4.85 35.07
N ASP A 519 -0.06 4.64 35.96
CA ASP A 519 -0.06 3.45 36.80
C ASP A 519 -0.61 2.24 36.07
N LYS A 520 -1.54 2.43 35.15
CA LYS A 520 -2.07 1.30 34.39
C LYS A 520 -1.10 0.85 33.31
N ILE A 521 -0.51 1.81 32.57
CA ILE A 521 0.46 1.43 31.55
C ILE A 521 1.72 0.84 32.17
N SER A 522 1.99 1.13 33.44
CA SER A 522 3.12 0.51 34.13
C SER A 522 2.73 -0.80 34.80
N SER A 523 1.49 -1.25 34.65
CA SER A 523 1.02 -2.47 35.28
C SER A 523 0.80 -3.55 34.22
N ASN A 524 0.59 -4.77 34.71
CA ASN A 524 0.28 -5.91 33.86
C ASN A 524 -1.18 -5.93 33.42
N GLU A 525 -2.02 -5.06 33.98
CA GLU A 525 -3.45 -5.11 33.73
C GLU A 525 -3.81 -5.11 32.26
N LEU A 526 -2.95 -4.56 31.40
CA LEU A 526 -3.19 -4.56 29.97
C LEU A 526 -2.64 -5.80 29.25
N GLN A 527 -1.67 -6.49 29.86
CA GLN A 527 -1.09 -7.67 29.22
C GLN A 527 -2.12 -8.74 28.93
N LYS A 528 -3.20 -8.81 29.72
CA LYS A 528 -4.23 -9.81 29.51
C LYS A 528 -4.80 -9.76 28.09
N TYR A 529 -4.86 -8.57 27.50
CA TYR A 529 -5.40 -8.41 26.15
C TYR A 529 -4.37 -8.68 25.07
N GLY A 530 -3.09 -8.81 25.44
CA GLY A 530 -2.01 -8.91 24.49
C GLY A 530 -1.33 -7.59 24.21
N ALA A 531 -1.73 -6.53 24.88
CA ALA A 531 -1.11 -5.21 24.72
C ALA A 531 0.04 -5.08 25.70
N PHE A 532 1.26 -5.05 25.18
CA PHE A 532 2.46 -4.86 25.98
C PHE A 532 3.03 -3.49 25.64
N VAL A 533 3.03 -2.59 26.62
CA VAL A 533 3.45 -1.22 26.39
C VAL A 533 4.94 -1.19 26.09
N ASN A 534 5.31 -0.40 25.08
CA ASN A 534 6.71 -0.19 24.67
C ASN A 534 7.33 0.87 25.58
N HIS A 535 7.72 0.43 26.77
CA HIS A 535 8.17 1.35 27.81
C HIS A 535 9.37 2.19 27.38
N GLU A 536 10.24 1.66 26.51
CA GLU A 536 11.42 2.41 26.10
C GLU A 536 11.11 3.50 25.08
N LYS A 537 9.90 3.51 24.52
CA LYS A 537 9.49 4.51 23.53
C LYS A 537 8.45 5.48 24.11
N THR A 538 8.17 5.40 25.40
CA THR A 538 7.18 6.28 26.03
C THR A 538 7.82 7.64 26.32
N VAL A 539 7.14 8.70 25.90
CA VAL A 539 7.62 10.07 26.06
C VAL A 539 6.58 10.87 26.83
N GLU A 540 7.02 11.64 27.82
CA GLU A 540 6.14 12.45 28.64
C GLU A 540 6.69 13.86 28.74
N ILE A 541 5.86 14.86 28.45
CA ILE A 541 6.20 16.26 28.63
C ILE A 541 5.04 16.98 29.29
N ASN A 542 5.36 18.04 30.03
CA ASN A 542 4.34 18.85 30.69
C ASN A 542 4.47 20.34 30.46
N GLY A 543 5.64 20.86 30.13
CA GLY A 543 5.74 22.27 29.85
C GLY A 543 5.43 23.14 31.05
N GLU A 544 6.27 23.07 32.09
CA GLU A 544 6.18 23.95 33.24
C GLU A 544 7.27 25.02 33.20
N ALA A 545 7.70 25.39 32.00
CA ALA A 545 8.77 26.33 31.68
C ALA A 545 10.16 25.77 31.94
N GLY A 546 10.25 24.56 32.49
CA GLY A 546 11.52 23.88 32.66
C GLY A 546 11.53 22.60 31.86
N SER A 547 10.34 22.16 31.46
CA SER A 547 10.14 20.92 30.75
C SER A 547 9.93 21.19 29.26
N SER A 548 10.27 20.19 28.44
CA SER A 548 10.08 20.30 27.00
C SER A 548 8.63 20.64 26.67
N ASN A 549 8.44 21.29 25.53
CA ASN A 549 7.12 21.71 25.11
C ASN A 549 6.67 21.15 23.77
N LYS A 550 7.47 20.29 23.14
CA LYS A 550 7.14 19.74 21.83
C LYS A 550 7.08 18.21 21.89
N MET A 551 6.19 17.65 21.08
CA MET A 551 6.03 16.20 21.00
C MET A 551 5.44 15.85 19.65
N THR A 552 6.05 14.87 18.96
CA THR A 552 5.55 14.33 17.70
C THR A 552 4.84 13.01 17.95
N PHE A 553 3.54 12.96 17.69
CA PHE A 553 2.76 11.77 18.06
C PHE A 553 2.49 10.80 16.91
N VAL A 554 1.84 11.26 15.84
CA VAL A 554 1.50 10.38 14.72
C VAL A 554 2.02 10.96 13.41
N GLY A 555 3.08 11.74 13.48
CA GLY A 555 3.49 12.54 12.35
C GLY A 555 3.03 13.98 12.47
N LEU A 556 2.54 14.37 13.63
CA LEU A 556 2.09 15.72 13.92
C LEU A 556 2.98 16.31 15.00
N ASP A 557 3.20 17.62 14.95
CA ASP A 557 3.97 18.33 15.96
C ASP A 557 2.98 19.01 16.91
N ILE A 558 3.05 18.66 18.18
CA ILE A 558 2.14 19.18 19.19
C ILE A 558 2.94 19.99 20.20
N ASN A 559 2.47 21.19 20.49
CA ASN A 559 3.09 22.04 21.49
C ASN A 559 2.33 21.90 22.80
N CYS A 560 3.07 21.73 23.89
CA CYS A 560 2.44 21.42 25.17
C CYS A 560 1.85 22.64 25.84
N LEU A 561 2.26 23.84 25.44
CA LEU A 561 1.74 25.08 26.02
C LEU A 561 0.63 25.71 25.19
N THR A 562 0.75 25.69 23.86
CA THR A 562 -0.23 26.31 22.99
C THR A 562 -1.21 25.31 22.37
N LEU A 563 -0.92 24.02 22.47
CA LEU A 563 -1.70 22.98 21.79
C LEU A 563 -1.76 23.24 20.30
N ASP A 564 -0.65 23.74 19.77
CA ASP A 564 -0.56 23.92 18.32
C ASP A 564 -0.31 22.56 17.69
N VAL A 565 -0.89 22.36 16.51
CA VAL A 565 -0.80 21.09 15.80
C VAL A 565 -0.34 21.37 14.38
N LYS A 566 0.61 20.57 13.91
CA LYS A 566 1.30 20.80 12.65
C LYS A 566 1.57 19.45 12.01
N LYS A 567 2.16 19.46 10.82
CA LYS A 567 2.51 18.23 10.11
C LYS A 567 4.02 18.12 10.07
N ASP A 568 4.53 16.95 10.42
CA ASP A 568 5.97 16.77 10.63
C ASP A 568 6.67 16.69 9.29
N SER A 569 7.05 17.85 8.77
CA SER A 569 7.91 18.03 7.60
C SER A 569 7.26 17.53 6.31
N SER A 570 5.99 17.09 6.35
CA SER A 570 5.29 16.65 5.14
C SER A 570 6.07 15.52 4.45
N GLN A 571 6.17 14.39 5.15
CA GLN A 571 7.14 13.34 4.82
C GLN A 571 7.17 12.97 3.34
N PHE A 572 6.06 13.17 2.62
CA PHE A 572 6.05 12.98 1.17
C PHE A 572 6.76 14.19 0.58
N SER A 573 8.08 14.05 0.40
CA SER A 573 9.01 15.13 0.09
C SER A 573 8.66 15.98 -1.12
N ARG A 574 9.22 17.20 -1.17
CA ARG A 574 9.00 18.27 -2.13
C ARG A 574 8.90 17.78 -3.58
N PRO A 575 7.81 18.11 -4.29
CA PRO A 575 7.61 17.62 -5.66
C PRO A 575 8.44 18.32 -6.75
N THR A 576 9.30 19.31 -6.44
CA THR A 576 10.30 19.81 -7.40
C THR A 576 9.68 20.33 -8.70
N CYS A 577 8.87 21.39 -8.59
CA CYS A 577 7.98 21.84 -9.66
C CYS A 577 8.53 23.01 -10.49
N LYS A 578 9.84 23.08 -10.70
CA LYS A 578 10.46 24.13 -11.52
C LYS A 578 10.52 23.68 -12.98
N PHE A 579 9.46 23.94 -13.74
CA PHE A 579 9.37 23.50 -15.13
C PHE A 579 8.93 24.64 -16.06
N ARG A 580 9.24 24.46 -17.35
CA ARG A 580 8.93 25.47 -18.36
C ARG A 580 7.55 25.30 -19.00
N SER A 581 7.02 24.08 -19.05
CA SER A 581 5.73 23.85 -19.68
C SER A 581 4.83 23.04 -18.74
N PHE A 582 3.52 23.14 -18.98
CA PHE A 582 2.58 22.35 -18.18
C PHE A 582 2.74 20.87 -18.44
N LYS A 583 2.96 20.48 -19.70
CA LYS A 583 3.19 19.06 -20.01
C LYS A 583 4.36 18.52 -19.22
N ALA A 584 5.45 19.29 -19.11
CA ALA A 584 6.60 18.84 -18.34
C ALA A 584 6.27 18.74 -16.87
N LEU A 585 5.43 19.64 -16.36
CA LEU A 585 5.03 19.59 -14.97
C LEU A 585 4.17 18.35 -14.69
N PHE A 586 3.17 18.10 -15.55
CA PHE A 586 2.26 16.99 -15.29
C PHE A 586 2.98 15.65 -15.33
N SER A 587 3.97 15.51 -16.21
CA SER A 587 4.72 14.26 -16.26
C SER A 587 5.47 14.02 -14.96
N ASN A 588 6.14 15.06 -14.46
CA ASN A 588 6.87 14.94 -13.21
C ASN A 588 5.94 14.61 -12.06
N LEU A 589 4.81 15.32 -11.96
CA LEU A 589 3.86 15.07 -10.89
C LEU A 589 3.21 13.69 -11.01
N LYS A 590 3.01 13.21 -12.25
CA LYS A 590 2.48 11.86 -12.41
C LYS A 590 3.46 10.83 -11.88
N GLN A 591 4.76 11.05 -12.09
CA GLN A 591 5.76 10.17 -11.48
C GLN A 591 5.74 10.28 -9.96
N PHE A 592 5.64 11.51 -9.44
CA PHE A 592 5.63 11.71 -7.99
C PHE A 592 4.45 11.01 -7.34
N TYR A 593 3.26 11.12 -7.93
CA TYR A 593 2.08 10.54 -7.33
C TYR A 593 2.16 9.02 -7.28
N CYS A 594 2.53 8.40 -8.40
CA CYS A 594 2.61 6.94 -8.44
C CYS A 594 3.66 6.42 -7.46
N SER A 595 4.84 7.04 -7.44
CA SER A 595 5.92 6.53 -6.60
C SER A 595 5.66 6.79 -5.11
N ASN A 596 4.88 7.82 -4.78
CA ASN A 596 4.57 8.11 -3.39
C ASN A 596 3.24 7.54 -2.92
N LEU A 597 2.45 6.96 -3.82
CA LEU A 597 1.23 6.26 -3.40
C LEU A 597 1.59 4.81 -3.16
N CYS A 598 2.17 4.57 -1.98
CA CYS A 598 2.67 3.26 -1.63
C CYS A 598 1.53 2.29 -1.36
N GLU A 599 1.76 1.00 -1.62
CA GLU A 599 0.70 0.02 -1.46
C GLU A 599 0.20 -0.05 -0.03
N PHE A 600 1.11 0.04 0.95
CA PHE A 600 0.70 -0.07 2.35
C PHE A 600 -0.23 1.06 2.77
N LEU A 601 -0.28 2.16 2.01
CA LEU A 601 -1.22 3.25 2.28
C LEU A 601 -2.64 2.94 1.84
N LEU A 602 -2.84 1.89 1.02
CA LEU A 602 -4.16 1.56 0.49
C LEU A 602 -4.65 0.19 0.93
N ASP A 603 -4.00 -0.44 1.91
CA ASP A 603 -4.36 -1.79 2.34
C ASP A 603 -5.51 -1.70 3.34
N PHE A 604 -6.65 -2.29 2.97
CA PHE A 604 -7.82 -2.27 3.85
C PHE A 604 -7.73 -3.30 4.97
N SER A 605 -6.86 -4.30 4.82
CA SER A 605 -6.69 -5.30 5.86
C SER A 605 -5.89 -4.78 7.05
N SER A 606 -5.27 -3.60 6.94
CA SER A 606 -4.50 -3.03 8.03
C SER A 606 -4.89 -1.61 8.41
N ASN A 607 -5.55 -0.85 7.53
CA ASN A 607 -5.99 0.49 7.84
C ASN A 607 -7.48 0.62 7.57
N SER A 608 -8.12 1.54 8.30
CA SER A 608 -9.52 1.85 8.07
C SER A 608 -9.66 2.76 6.86
N LEU A 609 -10.78 2.62 6.15
CA LEU A 609 -11.07 3.43 4.98
C LEU A 609 -10.81 4.92 5.24
N GLU A 610 -11.20 5.41 6.41
CA GLU A 610 -10.98 6.82 6.73
C GLU A 610 -9.50 7.18 6.65
N THR A 611 -8.62 6.28 7.12
CA THR A 611 -7.19 6.57 7.03
C THR A 611 -6.67 6.31 5.62
N ILE A 612 -7.31 5.40 4.88
CA ILE A 612 -6.92 5.20 3.48
C ILE A 612 -7.24 6.45 2.67
N ARG A 613 -8.44 7.01 2.88
CA ARG A 613 -8.81 8.24 2.18
C ARG A 613 -7.88 9.38 2.54
N GLU A 614 -7.51 9.50 3.82
CA GLU A 614 -6.68 10.63 4.22
C GLU A 614 -5.24 10.50 3.74
N ASN A 615 -4.77 9.29 3.45
CA ASN A 615 -3.46 9.16 2.81
C ASN A 615 -3.53 9.58 1.36
N VAL A 616 -4.62 9.21 0.67
CA VAL A 616 -4.88 9.74 -0.66
C VAL A 616 -4.88 11.26 -0.64
N ASP A 617 -5.74 11.84 0.20
CA ASP A 617 -5.85 13.30 0.26
C ASP A 617 -4.50 13.94 0.55
N ALA A 618 -3.63 13.26 1.30
CA ALA A 618 -2.33 13.82 1.60
C ALA A 618 -1.48 13.95 0.33
N ILE A 619 -1.44 12.90 -0.48
CA ILE A 619 -0.66 12.96 -1.72
C ILE A 619 -1.30 13.96 -2.68
N LEU A 620 -2.62 13.98 -2.76
CA LEU A 620 -3.30 14.95 -3.61
C LEU A 620 -2.93 16.38 -3.22
N LYS A 621 -3.03 16.69 -1.92
CA LYS A 621 -2.74 18.05 -1.46
C LYS A 621 -1.34 18.49 -1.88
N LEU A 622 -0.35 17.61 -1.72
CA LEU A 622 1.01 17.98 -2.10
C LEU A 622 1.17 18.08 -3.61
N THR A 623 0.50 17.20 -4.36
CA THR A 623 0.56 17.28 -5.81
C THR A 623 0.01 18.60 -6.32
N PHE A 624 -1.18 18.99 -5.83
CA PHE A 624 -1.82 20.19 -6.36
C PHE A 624 -1.16 21.46 -5.85
N GLU A 625 -0.62 21.43 -4.63
CA GLU A 625 0.07 22.61 -4.12
C GLU A 625 1.26 22.97 -5.02
N ALA A 626 1.85 21.96 -5.67
CA ALA A 626 2.91 22.26 -6.62
C ALA A 626 2.37 22.89 -7.90
N ILE A 627 1.10 22.64 -8.22
CA ILE A 627 0.47 23.34 -9.33
C ILE A 627 0.13 24.77 -8.91
N GLN A 628 -0.54 24.91 -7.77
CA GLN A 628 -0.88 26.23 -7.24
C GLN A 628 0.35 27.12 -7.17
N THR A 629 1.47 26.58 -6.73
CA THR A 629 2.68 27.38 -6.56
C THR A 629 3.23 27.88 -7.90
N SER A 630 3.37 26.99 -8.87
CA SER A 630 4.06 27.32 -10.12
C SER A 630 3.11 27.70 -11.25
N PHE A 631 1.80 27.73 -11.02
CA PHE A 631 0.87 28.08 -12.08
C PHE A 631 1.21 29.44 -12.70
N ALA A 632 1.33 30.47 -11.87
CA ALA A 632 1.57 31.82 -12.40
C ALA A 632 2.90 31.90 -13.13
N THR A 633 3.92 31.16 -12.68
CA THR A 633 5.21 31.21 -13.35
C THR A 633 5.15 30.53 -14.71
N ILE A 634 4.57 29.33 -14.75
CA ILE A 634 4.51 28.58 -16.01
C ILE A 634 3.59 29.29 -17.01
N SER A 635 2.39 29.68 -16.57
CA SER A 635 1.40 30.30 -17.45
C SER A 635 1.95 31.53 -18.17
N LYS A 636 3.05 32.11 -17.70
CA LYS A 636 3.62 33.26 -18.41
C LYS A 636 4.19 32.85 -19.76
N GLN A 637 4.75 31.64 -19.88
CA GLN A 637 5.37 31.17 -21.11
C GLN A 637 4.67 30.00 -21.77
N ASP A 638 3.74 29.32 -21.08
CA ASP A 638 3.03 28.20 -21.68
C ASP A 638 1.56 28.28 -21.27
N SER A 639 0.67 28.16 -22.25
CA SER A 639 -0.74 28.37 -22.02
C SER A 639 -1.39 27.12 -21.45
N PHE A 640 -2.12 27.30 -20.35
CA PHE A 640 -2.82 26.20 -19.71
C PHE A 640 -3.95 25.70 -20.62
N GLU A 641 -3.96 24.40 -20.88
CA GLU A 641 -4.98 23.74 -21.68
C GLU A 641 -5.78 22.82 -20.78
N ARG A 642 -7.10 23.03 -20.71
CA ARG A 642 -7.90 22.26 -19.76
C ARG A 642 -8.00 20.79 -20.15
N TYR A 643 -7.90 20.47 -21.44
CA TYR A 643 -8.08 19.07 -21.83
C TYR A 643 -6.84 18.25 -21.53
N ARG A 644 -5.65 18.81 -21.74
CA ARG A 644 -4.45 18.13 -21.29
C ARG A 644 -4.47 17.94 -19.79
N PHE A 645 -4.96 18.95 -19.06
CA PHE A 645 -5.06 18.87 -17.61
C PHE A 645 -6.08 17.81 -17.19
N MET A 646 -7.20 17.71 -17.91
CA MET A 646 -8.19 16.70 -17.57
C MET A 646 -7.65 15.29 -17.78
N LYS A 647 -6.90 15.07 -18.86
CA LYS A 647 -6.26 13.78 -19.06
C LYS A 647 -5.30 13.47 -17.92
N PHE A 648 -4.63 14.50 -17.39
CA PHE A 648 -3.74 14.30 -16.26
C PHE A 648 -4.53 13.88 -15.02
N LEU A 649 -5.61 14.60 -14.72
CA LEU A 649 -6.48 14.18 -13.63
C LEU A 649 -6.97 12.75 -13.84
N HIS A 650 -7.42 12.44 -15.05
CA HIS A 650 -7.94 11.10 -15.33
C HIS A 650 -6.90 10.03 -15.03
N VAL A 651 -5.62 10.31 -15.32
CA VAL A 651 -4.58 9.34 -15.03
C VAL A 651 -4.38 9.21 -13.52
N ILE A 652 -4.37 10.34 -12.82
CA ILE A 652 -4.20 10.32 -11.37
C ILE A 652 -5.32 9.52 -10.71
N ILE A 653 -6.56 9.74 -11.14
CA ILE A 653 -7.69 9.09 -10.50
C ILE A 653 -7.70 7.59 -10.81
N GLU A 654 -7.45 7.23 -12.08
CA GLU A 654 -7.43 5.81 -12.44
C GLU A 654 -6.34 5.06 -11.69
N THR A 655 -5.15 5.66 -11.56
CA THR A 655 -4.06 5.02 -10.85
C THR A 655 -4.43 4.76 -9.40
N THR A 656 -5.11 5.72 -8.77
CA THR A 656 -5.51 5.55 -7.38
C THR A 656 -6.49 4.40 -7.22
N ILE A 657 -7.49 4.32 -8.10
CA ILE A 657 -8.49 3.27 -7.98
C ILE A 657 -7.88 1.92 -8.34
N GLU A 658 -7.18 1.85 -9.46
CA GLU A 658 -6.60 0.59 -9.91
C GLU A 658 -5.64 0.02 -8.86
N LYS A 659 -4.77 0.88 -8.30
CA LYS A 659 -3.84 0.42 -7.27
C LYS A 659 -4.58 -0.02 -6.01
N PHE A 660 -5.62 0.72 -5.61
CA PHE A 660 -6.41 0.33 -4.44
C PHE A 660 -7.03 -1.05 -4.63
N ALA A 661 -7.69 -1.27 -5.77
CA ALA A 661 -8.32 -2.56 -6.02
C ALA A 661 -7.30 -3.66 -6.27
N ARG A 662 -6.09 -3.33 -6.72
CA ARG A 662 -5.07 -4.35 -6.86
C ARG A 662 -4.55 -4.79 -5.50
N VAL A 663 -4.43 -3.85 -4.57
CA VAL A 663 -3.92 -4.18 -3.24
C VAL A 663 -4.95 -4.98 -2.44
N ASN A 664 -6.23 -4.66 -2.60
CA ASN A 664 -7.27 -5.31 -1.80
C ASN A 664 -8.05 -6.37 -2.55
N GLY A 665 -8.00 -6.37 -3.89
CA GLY A 665 -8.71 -7.39 -4.66
C GLY A 665 -10.20 -7.34 -4.54
N SER A 666 -10.75 -6.30 -3.92
CA SER A 666 -12.18 -6.22 -3.62
C SER A 666 -12.61 -4.77 -3.76
N MET A 667 -13.56 -4.53 -4.68
CA MET A 667 -14.03 -3.20 -5.04
C MET A 667 -14.65 -2.44 -3.88
N GLU A 668 -14.86 -3.08 -2.73
CA GLU A 668 -15.47 -2.38 -1.61
C GLU A 668 -14.65 -1.17 -1.21
N GLY A 669 -15.22 0.03 -1.38
CA GLY A 669 -14.55 1.27 -1.06
C GLY A 669 -14.19 2.12 -2.25
N VAL A 670 -14.34 1.62 -3.48
CA VAL A 670 -13.92 2.40 -4.64
C VAL A 670 -14.87 3.56 -4.88
N GLU A 671 -16.18 3.34 -4.74
CA GLU A 671 -17.13 4.42 -4.95
C GLU A 671 -16.97 5.51 -3.91
N TYR A 672 -16.89 5.12 -2.64
CA TYR A 672 -16.68 6.11 -1.58
C TYR A 672 -15.37 6.87 -1.79
N LEU A 673 -14.31 6.15 -2.13
CA LEU A 673 -13.03 6.80 -2.37
C LEU A 673 -13.10 7.74 -3.57
N LEU A 674 -13.82 7.32 -4.62
CA LEU A 674 -13.89 8.14 -5.83
C LEU A 674 -14.57 9.47 -5.56
N THR A 675 -15.67 9.46 -4.80
CA THR A 675 -16.37 10.71 -4.51
C THR A 675 -15.50 11.62 -3.65
N CYS A 676 -14.75 11.05 -2.70
CA CYS A 676 -13.86 11.85 -1.87
C CYS A 676 -12.74 12.47 -2.71
N ILE A 677 -12.26 11.74 -3.73
CA ILE A 677 -11.24 12.30 -4.63
C ILE A 677 -11.79 13.51 -5.37
N LYS A 678 -13.08 13.46 -5.73
CA LYS A 678 -13.69 14.61 -6.38
C LYS A 678 -13.66 15.83 -5.47
N ILE A 679 -14.11 15.66 -4.22
CA ILE A 679 -14.16 16.79 -3.30
C ILE A 679 -12.78 17.36 -3.05
N THR A 680 -11.79 16.48 -2.84
CA THR A 680 -10.44 16.96 -2.57
C THR A 680 -9.89 17.76 -3.74
N ILE A 681 -10.14 17.29 -4.96
CA ILE A 681 -9.65 18.01 -6.12
C ILE A 681 -10.39 19.33 -6.29
N THR A 682 -11.70 19.33 -6.03
CA THR A 682 -12.46 20.58 -6.05
C THR A 682 -11.86 21.59 -5.08
N LYS A 683 -11.56 21.16 -3.85
CA LYS A 683 -11.06 22.08 -2.84
C LYS A 683 -9.63 22.51 -3.15
N SER A 684 -8.83 21.62 -3.76
CA SER A 684 -7.45 21.97 -4.09
C SER A 684 -7.34 22.83 -5.33
N LEU A 685 -8.42 22.96 -6.11
CA LEU A 685 -8.43 23.81 -7.29
C LEU A 685 -9.13 25.12 -7.04
N ALA A 686 -9.41 25.47 -5.77
CA ALA A 686 -10.10 26.73 -5.48
C ALA A 686 -9.39 27.92 -6.12
N PHE A 687 -8.05 27.87 -6.17
CA PHE A 687 -7.30 28.97 -6.77
C PHE A 687 -7.57 29.11 -8.26
N MET A 688 -7.93 28.01 -8.94
CA MET A 688 -8.26 28.06 -10.36
C MET A 688 -9.39 29.07 -10.62
N ALA A 689 -9.09 30.08 -11.42
CA ALA A 689 -10.10 31.11 -11.70
C ALA A 689 -11.28 30.52 -12.46
N THR A 690 -11.01 29.92 -13.61
CA THR A 690 -12.04 29.26 -14.41
C THR A 690 -11.75 27.76 -14.41
N LYS A 691 -12.61 27.00 -13.74
CA LYS A 691 -12.49 25.55 -13.68
C LYS A 691 -13.84 24.86 -13.85
N GLN A 692 -14.83 25.55 -14.43
CA GLN A 692 -16.18 24.99 -14.51
C GLN A 692 -16.20 23.71 -15.33
N GLU A 693 -15.62 23.75 -16.54
CA GLU A 693 -15.65 22.57 -17.40
C GLU A 693 -14.85 21.42 -16.79
N ILE A 694 -13.71 21.74 -16.17
CA ILE A 694 -12.90 20.70 -15.51
C ILE A 694 -13.72 20.03 -14.41
N ILE A 695 -14.36 20.82 -13.55
CA ILE A 695 -15.14 20.25 -12.46
C ILE A 695 -16.34 19.48 -12.99
N GLU A 696 -17.03 20.05 -13.99
CA GLU A 696 -18.16 19.34 -14.59
C GLU A 696 -17.72 17.97 -15.09
N TRP A 697 -16.61 17.91 -15.81
CA TRP A 697 -16.09 16.62 -16.26
C TRP A 697 -15.77 15.73 -15.07
N LEU A 698 -15.13 16.31 -14.05
CA LEU A 698 -14.74 15.54 -12.87
C LEU A 698 -15.95 14.82 -12.26
N TYR A 699 -17.08 15.50 -12.16
CA TYR A 699 -18.23 14.92 -11.50
C TYR A 699 -18.99 13.91 -12.37
N THR A 700 -18.59 13.72 -13.63
CA THR A 700 -19.23 12.74 -14.50
C THR A 700 -18.55 11.37 -14.47
N LEU A 701 -17.39 11.26 -13.82
CA LEU A 701 -16.69 9.99 -13.78
C LEU A 701 -17.35 9.03 -12.80
N THR A 702 -17.46 7.78 -13.21
CA THR A 702 -17.99 6.72 -12.36
C THR A 702 -17.16 5.46 -12.56
N ILE A 703 -17.31 4.52 -11.64
CA ILE A 703 -16.72 3.20 -11.81
C ILE A 703 -17.56 2.41 -12.80
N VAL A 704 -16.92 1.48 -13.50
CA VAL A 704 -17.64 0.68 -14.49
C VAL A 704 -18.60 -0.26 -13.77
N ASP A 705 -19.83 -0.31 -14.27
CA ASP A 705 -20.86 -1.17 -13.70
C ASP A 705 -20.55 -2.65 -13.95
#